data_256D
# 
_entry.id   256D 
# 
_audit_conform.dict_name       mmcif_pdbx.dic 
_audit_conform.dict_version    5.387 
_audit_conform.dict_location   http://mmcif.pdb.org/dictionaries/ascii/mmcif_pdbx.dic 
# 
loop_
_database_2.database_id 
_database_2.database_code 
_database_2.pdbx_database_accession 
_database_2.pdbx_DOI 
PDB   256D         pdb_0000256d 10.2210/pdb256d/pdb 
RCSB  ADFB72       ?            ?                   
WWPDB D_1000177665 ?            ?                   
# 
loop_
_pdbx_audit_revision_history.ordinal 
_pdbx_audit_revision_history.data_content_type 
_pdbx_audit_revision_history.major_revision 
_pdbx_audit_revision_history.minor_revision 
_pdbx_audit_revision_history.revision_date 
1 'Structure model' 1 0 1996-04-15 
2 'Structure model' 1 1 2008-05-22 
3 'Structure model' 1 2 2011-07-13 
4 'Structure model' 1 3 2024-02-14 
# 
_pdbx_audit_revision_details.ordinal             1 
_pdbx_audit_revision_details.revision_ordinal    1 
_pdbx_audit_revision_details.data_content_type   'Structure model' 
_pdbx_audit_revision_details.provider            repository 
_pdbx_audit_revision_details.type                'Initial release' 
_pdbx_audit_revision_details.description         ? 
_pdbx_audit_revision_details.details             ? 
# 
loop_
_pdbx_audit_revision_group.ordinal 
_pdbx_audit_revision_group.revision_ordinal 
_pdbx_audit_revision_group.data_content_type 
_pdbx_audit_revision_group.group 
1 2 'Structure model' 'Version format compliance' 
2 3 'Structure model' 'Version format compliance' 
3 4 'Structure model' 'Data collection'           
4 4 'Structure model' 'Database references'       
5 4 'Structure model' 'Derived calculations'      
# 
loop_
_pdbx_audit_revision_category.ordinal 
_pdbx_audit_revision_category.revision_ordinal 
_pdbx_audit_revision_category.data_content_type 
_pdbx_audit_revision_category.category 
1 4 'Structure model' chem_comp_atom 
2 4 'Structure model' chem_comp_bond 
3 4 'Structure model' database_2     
4 4 'Structure model' struct_conn    
# 
loop_
_pdbx_audit_revision_item.ordinal 
_pdbx_audit_revision_item.revision_ordinal 
_pdbx_audit_revision_item.data_content_type 
_pdbx_audit_revision_item.item 
1 4 'Structure model' '_database_2.pdbx_DOI'                
2 4 'Structure model' '_database_2.pdbx_database_accession' 
3 4 'Structure model' '_struct_conn.pdbx_leaving_atom_flag' 
# 
_pdbx_database_status.status_code                     REL 
_pdbx_database_status.entry_id                        256D 
_pdbx_database_status.recvd_initial_deposition_date   1996-03-31 
_pdbx_database_status.deposit_site                    NDB 
_pdbx_database_status.process_site                    NDB 
_pdbx_database_status.status_code_sf                  REL 
_pdbx_database_status.status_code_mr                  ? 
_pdbx_database_status.SG_entry                        ? 
_pdbx_database_status.pdb_format_compatible           Y 
_pdbx_database_status.status_code_cs                  ? 
_pdbx_database_status.status_code_nmr_data            ? 
_pdbx_database_status.methods_development_category    ? 
# 
loop_
_audit_author.name 
_audit_author.pdbx_ordinal 
'Mooers, B.H.'  1 
'Schroth, G.P.' 2 
'Baxter, W.W.'  3 
'Ho, P.S.'      4 
# 
_citation.id                        primary 
_citation.title                     'Alternating and non-alternating dG-dC hexanucleotides crystallize as canonical A-DNA.' 
_citation.journal_abbrev            J.Mol.Biol. 
_citation.journal_volume            249 
_citation.page_first                772 
_citation.page_last                 784 
_citation.year                      1995 
_citation.journal_id_ASTM           JMOBAK 
_citation.country                   UK 
_citation.journal_id_ISSN           0022-2836 
_citation.journal_id_CSD            0070 
_citation.book_publisher            ? 
_citation.pdbx_database_id_PubMed   7602589 
_citation.pdbx_database_id_DOI      10.1006/jmbi.1995.0336 
# 
loop_
_citation_author.citation_id 
_citation_author.name 
_citation_author.ordinal 
_citation_author.identifier_ORCID 
primary 'Mooers, B.H.'  1 ? 
primary 'Schroth, G.P.' 2 ? 
primary 'Baxter, W.W.'  3 ? 
primary 'Ho, P.S.'      4 ? 
# 
loop_
_entity.id 
_entity.type 
_entity.src_method 
_entity.pdbx_description 
_entity.formula_weight 
_entity.pdbx_number_of_molecules 
_entity.pdbx_ec 
_entity.pdbx_mutation 
_entity.pdbx_fragment 
_entity.details 
1 polymer syn 
;DNA (5'-D(*GP*(5CM)P*GP*CP*GP*C)-3')
;
1824.232 2  ? ? ? ? 
2 water   nat water                                  18.015   35 ? ? ? ? 
# 
_entity_poly.entity_id                      1 
_entity_poly.type                           polydeoxyribonucleotide 
_entity_poly.nstd_linkage                   no 
_entity_poly.nstd_monomer                   yes 
_entity_poly.pdbx_seq_one_letter_code       '(DG)(5CM)(DG)(DC)(DG)(DC)' 
_entity_poly.pdbx_seq_one_letter_code_can   GCGCGC 
_entity_poly.pdbx_strand_id                 A,B 
_entity_poly.pdbx_target_identifier         ? 
# 
_pdbx_entity_nonpoly.entity_id   2 
_pdbx_entity_nonpoly.name        water 
_pdbx_entity_nonpoly.comp_id     HOH 
# 
loop_
_entity_poly_seq.entity_id 
_entity_poly_seq.num 
_entity_poly_seq.mon_id 
_entity_poly_seq.hetero 
1 1 DG  n 
1 2 5CM n 
1 3 DG  n 
1 4 DC  n 
1 5 DG  n 
1 6 DC  n 
# 
loop_
_chem_comp.id 
_chem_comp.type 
_chem_comp.mon_nstd_flag 
_chem_comp.name 
_chem_comp.pdbx_synonyms 
_chem_comp.formula 
_chem_comp.formula_weight 
5CM 'DNA linking' n "5-METHYL-2'-DEOXY-CYTIDINE-5'-MONOPHOSPHATE" ? 'C10 H16 N3 O7 P' 321.224 
DC  'DNA linking' y "2'-DEOXYCYTIDINE-5'-MONOPHOSPHATE"           ? 'C9 H14 N3 O7 P'  307.197 
DG  'DNA linking' y "2'-DEOXYGUANOSINE-5'-MONOPHOSPHATE"          ? 'C10 H14 N5 O7 P' 347.221 
HOH non-polymer   . WATER                                         ? 'H2 O'            18.015  
# 
loop_
_pdbx_poly_seq_scheme.asym_id 
_pdbx_poly_seq_scheme.entity_id 
_pdbx_poly_seq_scheme.seq_id 
_pdbx_poly_seq_scheme.mon_id 
_pdbx_poly_seq_scheme.ndb_seq_num 
_pdbx_poly_seq_scheme.pdb_seq_num 
_pdbx_poly_seq_scheme.auth_seq_num 
_pdbx_poly_seq_scheme.pdb_mon_id 
_pdbx_poly_seq_scheme.auth_mon_id 
_pdbx_poly_seq_scheme.pdb_strand_id 
_pdbx_poly_seq_scheme.pdb_ins_code 
_pdbx_poly_seq_scheme.hetero 
A 1 1 DG  1 1  1  DG  G  A . n 
A 1 2 5CM 2 2  2  5CM +C A . n 
A 1 3 DG  3 3  3  DG  G  A . n 
A 1 4 DC  4 4  4  DC  C  A . n 
A 1 5 DG  5 5  5  DG  G  A . n 
A 1 6 DC  6 6  6  DC  C  A . n 
B 1 1 DG  1 7  7  DG  G  B . n 
B 1 2 5CM 2 8  8  5CM +C B . n 
B 1 3 DG  3 9  9  DG  G  B . n 
B 1 4 DC  4 10 10 DC  C  B . n 
B 1 5 DG  5 11 11 DG  G  B . n 
B 1 6 DC  6 12 12 DC  C  B . n 
# 
loop_
_pdbx_nonpoly_scheme.asym_id 
_pdbx_nonpoly_scheme.entity_id 
_pdbx_nonpoly_scheme.mon_id 
_pdbx_nonpoly_scheme.ndb_seq_num 
_pdbx_nonpoly_scheme.pdb_seq_num 
_pdbx_nonpoly_scheme.auth_seq_num 
_pdbx_nonpoly_scheme.pdb_mon_id 
_pdbx_nonpoly_scheme.auth_mon_id 
_pdbx_nonpoly_scheme.pdb_strand_id 
_pdbx_nonpoly_scheme.pdb_ins_code 
C 2 HOH 1  14 14 HOH HOH A . 
C 2 HOH 2  15 15 HOH HOH A . 
C 2 HOH 3  16 16 HOH HOH A . 
C 2 HOH 4  20 20 HOH HOH A . 
C 2 HOH 5  22 22 HOH HOH A . 
C 2 HOH 6  23 23 HOH HOH A . 
C 2 HOH 7  26 26 HOH HOH A . 
C 2 HOH 8  27 27 HOH HOH A . 
C 2 HOH 9  30 30 HOH HOH A . 
C 2 HOH 10 31 31 HOH HOH A . 
C 2 HOH 11 32 32 HOH HOH A . 
C 2 HOH 12 33 33 HOH HOH A . 
C 2 HOH 13 36 36 HOH HOH A . 
C 2 HOH 14 37 37 HOH HOH A . 
C 2 HOH 15 39 39 HOH HOH A . 
C 2 HOH 16 40 40 HOH HOH A . 
C 2 HOH 17 41 41 HOH HOH A . 
C 2 HOH 18 43 43 HOH HOH A . 
C 2 HOH 19 44 44 HOH HOH A . 
C 2 HOH 20 46 46 HOH HOH A . 
D 2 HOH 1  13 13 HOH HOH B . 
D 2 HOH 2  17 17 HOH HOH B . 
D 2 HOH 3  18 18 HOH HOH B . 
D 2 HOH 4  19 19 HOH HOH B . 
D 2 HOH 5  21 21 HOH HOH B . 
D 2 HOH 6  24 24 HOH HOH B . 
D 2 HOH 7  25 25 HOH HOH B . 
D 2 HOH 8  28 28 HOH HOH B . 
D 2 HOH 9  29 29 HOH HOH B . 
D 2 HOH 10 34 34 HOH HOH B . 
D 2 HOH 11 35 35 HOH HOH B . 
D 2 HOH 12 38 38 HOH HOH B . 
D 2 HOH 13 42 42 HOH HOH B . 
D 2 HOH 14 45 45 HOH HOH B . 
D 2 HOH 15 47 47 HOH HOH B . 
# 
loop_
_software.name 
_software.classification 
_software.version 
_software.citation_id 
_software.pdbx_ordinal 
X-PLOR refinement       . ? 1 
XSCANS 'data reduction' . ? 2 
# 
_cell.entry_id           256D 
_cell.length_a           39.440 
_cell.length_b           45.840 
_cell.length_c           39.520 
_cell.angle_alpha        90.00 
_cell.angle_beta         90.00 
_cell.angle_gamma        90.00 
_cell.Z_PDB              16 
_cell.pdbx_unique_axis   ? 
_cell.length_a_esd       ? 
_cell.length_b_esd       ? 
_cell.length_c_esd       ? 
_cell.angle_alpha_esd    ? 
_cell.angle_beta_esd     ? 
_cell.angle_gamma_esd    ? 
# 
_symmetry.entry_id                         256D 
_symmetry.space_group_name_H-M             'C 2 2 21' 
_symmetry.pdbx_full_space_group_name_H-M   ? 
_symmetry.cell_setting                     orthorhombic 
_symmetry.Int_Tables_number                20 
_symmetry.space_group_name_Hall            ? 
# 
_exptl.entry_id          256D 
_exptl.method            'X-RAY DIFFRACTION' 
_exptl.crystals_number   ? 
# 
_exptl_crystal.id                    1 
_exptl_crystal.density_meas          ? 
_exptl_crystal.density_percent_sol   56.42 
_exptl_crystal.density_Matthews      2.82 
_exptl_crystal.description           ? 
_exptl_crystal.F_000                 ? 
_exptl_crystal.preparation           ? 
# 
_exptl_crystal_grow.crystal_id      1 
_exptl_crystal_grow.method          'VAPOR DIFFUSION, SITTING DROP' 
_exptl_crystal_grow.temp            ? 
_exptl_crystal_grow.temp_details    'ROOM TEMPERATURE' 
_exptl_crystal_grow.pH              7.00 
_exptl_crystal_grow.pdbx_details    'pH 7.00, VAPOR DIFFUSION, SITTING DROP' 
_exptl_crystal_grow.pdbx_pH_range   ? 
# 
loop_
_exptl_crystal_grow_comp.crystal_id 
_exptl_crystal_grow_comp.id 
_exptl_crystal_grow_comp.sol_id 
_exptl_crystal_grow_comp.name 
_exptl_crystal_grow_comp.volume 
_exptl_crystal_grow_comp.conc 
_exptl_crystal_grow_comp.details 
1 1 1 WATER           ? ? ? 
1 2 1 MPD             ? ? ? 
1 3 1 'NA CACODYLATE' ? ? ? 
1 4 1 SPERMINE        ? ? ? 
1 5 1 MGCL2           ? ? ? 
1 6 2 WATER           ? ? ? 
1 7 2 MPD             ? ? ? 
# 
_diffrn.id                     1 
_diffrn.ambient_temp           ? 
_diffrn.ambient_temp_details   ? 
_diffrn.crystal_id             1 
# 
_diffrn_detector.diffrn_id              1 
_diffrn_detector.detector               DIFFRACTOMETER 
_diffrn_detector.type                   'SIEMENS P4' 
_diffrn_detector.pdbx_collection_date   1994-02-21 
_diffrn_detector.details                ? 
# 
_diffrn_radiation.diffrn_id                        1 
_diffrn_radiation.wavelength_id                    1 
_diffrn_radiation.pdbx_monochromatic_or_laue_m_l   M 
_diffrn_radiation.monochromator                    ? 
_diffrn_radiation.pdbx_diffrn_protocol             'SINGLE WAVELENGTH' 
_diffrn_radiation.pdbx_scattering_type             x-ray 
# 
_diffrn_radiation_wavelength.id           1 
_diffrn_radiation_wavelength.wavelength   . 
_diffrn_radiation_wavelength.wt           1.0 
# 
_diffrn_source.diffrn_id                   1 
_diffrn_source.source                      'SEALED TUBE' 
_diffrn_source.type                        ? 
_diffrn_source.pdbx_synchrotron_site       ? 
_diffrn_source.pdbx_synchrotron_beamline   ? 
_diffrn_source.pdbx_wavelength             ? 
_diffrn_source.pdbx_wavelength_list        ? 
# 
_reflns.entry_id                     256D 
_reflns.observed_criterion_sigma_I   0.000 
_reflns.observed_criterion_sigma_F   ? 
_reflns.d_resolution_low             30.000 
_reflns.d_resolution_high            2.100 
_reflns.number_obs                   1713 
_reflns.number_all                   2102 
_reflns.percent_possible_obs         75.000 
_reflns.pdbx_Rmerge_I_obs            ? 
_reflns.pdbx_Rsym_value              ? 
_reflns.pdbx_netI_over_sigmaI        ? 
_reflns.B_iso_Wilson_estimate        ? 
_reflns.pdbx_redundancy              ? 
_reflns.R_free_details               ? 
_reflns.pdbx_chi_squared             ? 
_reflns.pdbx_scaling_rejects         ? 
_reflns.pdbx_diffrn_id               1 
_reflns.pdbx_ordinal                 1 
# 
_refine.entry_id                                 256D 
_refine.ls_number_reflns_obs                     1273 
_refine.ls_number_reflns_all                     ? 
_refine.pdbx_ls_sigma_I                          ? 
_refine.pdbx_ls_sigma_F                          2.0 
_refine.pdbx_data_cutoff_high_absF               ? 
_refine.pdbx_data_cutoff_low_absF                ? 
_refine.pdbx_data_cutoff_high_rms_absF           ? 
_refine.ls_d_res_low                             8.000 
_refine.ls_d_res_high                            2.200 
_refine.ls_percent_reflns_obs                    64.100 
_refine.ls_R_factor_obs                          0.148 
_refine.ls_R_factor_all                          0.165 
_refine.ls_R_factor_R_work                       0.148 
_refine.ls_R_factor_R_free                       ? 
_refine.ls_R_factor_R_free_error                 ? 
_refine.ls_R_factor_R_free_error_details         ? 
_refine.ls_percent_reflns_R_free                 ? 
_refine.ls_number_reflns_R_free                  ? 
_refine.ls_number_parameters                     ? 
_refine.ls_number_restraints                     ? 
_refine.occupancy_min                            ? 
_refine.occupancy_max                            ? 
_refine.B_iso_mean                               11.10 
_refine.aniso_B[1][1]                            ? 
_refine.aniso_B[2][2]                            ? 
_refine.aniso_B[3][3]                            ? 
_refine.aniso_B[1][2]                            ? 
_refine.aniso_B[1][3]                            ? 
_refine.aniso_B[2][3]                            ? 
_refine.solvent_model_details                    ? 
_refine.solvent_model_param_ksol                 ? 
_refine.solvent_model_param_bsol                 ? 
_refine.pdbx_ls_cross_valid_method               ? 
_refine.details                                  ? 
_refine.pdbx_starting_model                      ? 
_refine.pdbx_method_to_determine_struct          ? 
_refine.pdbx_isotropic_thermal_model             ? 
_refine.pdbx_stereochemistry_target_values       ? 
_refine.pdbx_stereochem_target_val_spec_case     ? 
_refine.pdbx_R_Free_selection_details            ? 
_refine.pdbx_overall_ESU_R                       ? 
_refine.pdbx_overall_ESU_R_Free                  ? 
_refine.overall_SU_ML                            ? 
_refine.overall_SU_B                             ? 
_refine.ls_redundancy_reflns_obs                 ? 
_refine.correlation_coeff_Fo_to_Fc               ? 
_refine.correlation_coeff_Fo_to_Fc_free          ? 
_refine.overall_SU_R_Cruickshank_DPI             ? 
_refine.overall_SU_R_free                        ? 
_refine.pdbx_refine_id                           'X-RAY DIFFRACTION' 
_refine.pdbx_overall_phase_error                 ? 
_refine.pdbx_solvent_vdw_probe_radii             ? 
_refine.pdbx_solvent_ion_probe_radii             ? 
_refine.pdbx_solvent_shrinkage_radii             ? 
_refine.ls_wR_factor_R_free                      ? 
_refine.ls_wR_factor_R_work                      ? 
_refine.overall_FOM_free_R_set                   ? 
_refine.overall_FOM_work_R_set                   ? 
_refine.pdbx_diffrn_id                           1 
_refine.pdbx_TLS_residual_ADP_flag               ? 
_refine.pdbx_overall_SU_R_free_Cruickshank_DPI   ? 
_refine.pdbx_overall_SU_R_Blow_DPI               ? 
_refine.pdbx_overall_SU_R_free_Blow_DPI          ? 
# 
_refine_analyze.entry_id                        256D 
_refine_analyze.Luzzati_coordinate_error_obs    0.25 
_refine_analyze.Luzzati_sigma_a_obs             0.30 
_refine_analyze.Luzzati_d_res_low_obs           ? 
_refine_analyze.Luzzati_coordinate_error_free   ? 
_refine_analyze.Luzzati_sigma_a_free            ? 
_refine_analyze.Luzzati_d_res_low_free          ? 
_refine_analyze.number_disordered_residues      ? 
_refine_analyze.occupancy_sum_hydrogen          ? 
_refine_analyze.occupancy_sum_non_hydrogen      ? 
_refine_analyze.pdbx_refine_id                  'X-RAY DIFFRACTION' 
# 
_refine_hist.pdbx_refine_id                   'X-RAY DIFFRACTION' 
_refine_hist.cycle_id                         LAST 
_refine_hist.pdbx_number_atoms_protein        0 
_refine_hist.pdbx_number_atoms_nucleic_acid   240 
_refine_hist.pdbx_number_atoms_ligand         2 
_refine_hist.number_atoms_solvent             35 
_refine_hist.number_atoms_total               277 
_refine_hist.d_res_high                       2.200 
_refine_hist.d_res_low                        8.000 
# 
loop_
_refine_ls_restr.type 
_refine_ls_restr.dev_ideal 
_refine_ls_restr.dev_ideal_target 
_refine_ls_restr.weight 
_refine_ls_restr.number 
_refine_ls_restr.pdbx_refine_id 
_refine_ls_restr.pdbx_restraint_function 
x_bond_d                0.019 ? ? ? 'X-RAY DIFFRACTION' ? 
x_bond_d_na             ?     ? ? ? 'X-RAY DIFFRACTION' ? 
x_bond_d_prot           ?     ? ? ? 'X-RAY DIFFRACTION' ? 
x_angle_d               ?     ? ? ? 'X-RAY DIFFRACTION' ? 
x_angle_d_na            ?     ? ? ? 'X-RAY DIFFRACTION' ? 
x_angle_d_prot          ?     ? ? ? 'X-RAY DIFFRACTION' ? 
x_angle_deg             4.12  ? ? ? 'X-RAY DIFFRACTION' ? 
x_angle_deg_na          ?     ? ? ? 'X-RAY DIFFRACTION' ? 
x_angle_deg_prot        ?     ? ? ? 'X-RAY DIFFRACTION' ? 
x_dihedral_angle_d      35.0  ? ? ? 'X-RAY DIFFRACTION' ? 
x_dihedral_angle_d_na   ?     ? ? ? 'X-RAY DIFFRACTION' ? 
x_dihedral_angle_d_prot ?     ? ? ? 'X-RAY DIFFRACTION' ? 
x_improper_angle_d      2.20  ? ? ? 'X-RAY DIFFRACTION' ? 
x_improper_angle_d_na   ?     ? ? ? 'X-RAY DIFFRACTION' ? 
x_improper_angle_d_prot ?     ? ? ? 'X-RAY DIFFRACTION' ? 
x_mcbond_it             ?     ? ? ? 'X-RAY DIFFRACTION' ? 
x_mcangle_it            ?     ? ? ? 'X-RAY DIFFRACTION' ? 
x_scbond_it             ?     ? ? ? 'X-RAY DIFFRACTION' ? 
x_scangle_it            ?     ? ? ? 'X-RAY DIFFRACTION' ? 
# 
_struct.entry_id                  256D 
_struct.title                     'ALTERNATING AND NON-ALTERNATING DG-DC HEXANUCLEOTIDES CRYSTALLIZE AS CANONICAL A-DNA' 
_struct.pdbx_model_details        ? 
_struct.pdbx_CASP_flag            ? 
_struct.pdbx_model_type_details   ? 
# 
_struct_keywords.entry_id        256D 
_struct_keywords.pdbx_keywords   DNA 
_struct_keywords.text            'A-DNA, DOUBLE HELIX, MODIFIED, DNA' 
# 
loop_
_struct_asym.id 
_struct_asym.pdbx_blank_PDB_chainid_flag 
_struct_asym.pdbx_modified 
_struct_asym.entity_id 
_struct_asym.details 
A N N 1 ? 
B N N 1 ? 
C N N 2 ? 
D N N 2 ? 
# 
_struct_ref.id                         1 
_struct_ref.entity_id                  1 
_struct_ref.db_name                    PDB 
_struct_ref.db_code                    256D 
_struct_ref.pdbx_db_accession          256D 
_struct_ref.pdbx_align_begin           ? 
_struct_ref.pdbx_seq_one_letter_code   ? 
_struct_ref.pdbx_db_isoform            ? 
# 
loop_
_struct_ref_seq.align_id 
_struct_ref_seq.ref_id 
_struct_ref_seq.pdbx_PDB_id_code 
_struct_ref_seq.pdbx_strand_id 
_struct_ref_seq.seq_align_beg 
_struct_ref_seq.pdbx_seq_align_beg_ins_code 
_struct_ref_seq.seq_align_end 
_struct_ref_seq.pdbx_seq_align_end_ins_code 
_struct_ref_seq.pdbx_db_accession 
_struct_ref_seq.db_align_beg 
_struct_ref_seq.pdbx_db_align_beg_ins_code 
_struct_ref_seq.db_align_end 
_struct_ref_seq.pdbx_db_align_end_ins_code 
_struct_ref_seq.pdbx_auth_seq_align_beg 
_struct_ref_seq.pdbx_auth_seq_align_end 
1 1 256D A 1 ? 6 ? 256D 1 ? 6  ? 1 6  
2 1 256D B 1 ? 6 ? 256D 7 ? 12 ? 7 12 
# 
_pdbx_struct_assembly.id                   1 
_pdbx_struct_assembly.details              author_defined_assembly 
_pdbx_struct_assembly.method_details       ? 
_pdbx_struct_assembly.oligomeric_details   dimeric 
_pdbx_struct_assembly.oligomeric_count     2 
# 
_pdbx_struct_assembly_gen.assembly_id       1 
_pdbx_struct_assembly_gen.oper_expression   1 
_pdbx_struct_assembly_gen.asym_id_list      A,B,C,D 
# 
_pdbx_struct_oper_list.id                   1 
_pdbx_struct_oper_list.type                 'identity operation' 
_pdbx_struct_oper_list.name                 1_555 
_pdbx_struct_oper_list.symmetry_operation   x,y,z 
_pdbx_struct_oper_list.matrix[1][1]         1.0000000000 
_pdbx_struct_oper_list.matrix[1][2]         0.0000000000 
_pdbx_struct_oper_list.matrix[1][3]         0.0000000000 
_pdbx_struct_oper_list.vector[1]            0.0000000000 
_pdbx_struct_oper_list.matrix[2][1]         0.0000000000 
_pdbx_struct_oper_list.matrix[2][2]         1.0000000000 
_pdbx_struct_oper_list.matrix[2][3]         0.0000000000 
_pdbx_struct_oper_list.vector[2]            0.0000000000 
_pdbx_struct_oper_list.matrix[3][1]         0.0000000000 
_pdbx_struct_oper_list.matrix[3][2]         0.0000000000 
_pdbx_struct_oper_list.matrix[3][3]         1.0000000000 
_pdbx_struct_oper_list.vector[3]            0.0000000000 
# 
_struct_biol.id                    1 
_struct_biol.pdbx_parent_biol_id   ? 
_struct_biol.details               ? 
# 
loop_
_struct_conn.id 
_struct_conn.conn_type_id 
_struct_conn.pdbx_leaving_atom_flag 
_struct_conn.pdbx_PDB_id 
_struct_conn.ptnr1_label_asym_id 
_struct_conn.ptnr1_label_comp_id 
_struct_conn.ptnr1_label_seq_id 
_struct_conn.ptnr1_label_atom_id 
_struct_conn.pdbx_ptnr1_label_alt_id 
_struct_conn.pdbx_ptnr1_PDB_ins_code 
_struct_conn.pdbx_ptnr1_standard_comp_id 
_struct_conn.ptnr1_symmetry 
_struct_conn.ptnr2_label_asym_id 
_struct_conn.ptnr2_label_comp_id 
_struct_conn.ptnr2_label_seq_id 
_struct_conn.ptnr2_label_atom_id 
_struct_conn.pdbx_ptnr2_label_alt_id 
_struct_conn.pdbx_ptnr2_PDB_ins_code 
_struct_conn.ptnr1_auth_asym_id 
_struct_conn.ptnr1_auth_comp_id 
_struct_conn.ptnr1_auth_seq_id 
_struct_conn.ptnr2_auth_asym_id 
_struct_conn.ptnr2_auth_comp_id 
_struct_conn.ptnr2_auth_seq_id 
_struct_conn.ptnr2_symmetry 
_struct_conn.pdbx_ptnr3_label_atom_id 
_struct_conn.pdbx_ptnr3_label_seq_id 
_struct_conn.pdbx_ptnr3_label_comp_id 
_struct_conn.pdbx_ptnr3_label_asym_id 
_struct_conn.pdbx_ptnr3_label_alt_id 
_struct_conn.pdbx_ptnr3_PDB_ins_code 
_struct_conn.details 
_struct_conn.pdbx_dist_value 
_struct_conn.pdbx_value_order 
_struct_conn.pdbx_role 
covale1  covale both ? A DG  1 "O3'" ? ? ? 1_555 A 5CM 2 P  ? ? A DG  1 A 5CM 2  1_555 ? ? ? ? ? ? ?            1.630 ? ? 
covale2  covale both ? A 5CM 2 "O3'" ? ? ? 1_555 A DG  3 P  ? ? A 5CM 2 A DG  3  1_555 ? ? ? ? ? ? ?            1.631 ? ? 
covale3  covale both ? B DG  1 "O3'" ? ? ? 1_555 B 5CM 2 P  ? ? B DG  7 B 5CM 8  1_555 ? ? ? ? ? ? ?            1.600 ? ? 
covale4  covale both ? B 5CM 2 "O3'" ? ? ? 1_555 B DG  3 P  ? ? B 5CM 8 B DG  9  1_555 ? ? ? ? ? ? ?            1.640 ? ? 
hydrog1  hydrog ?    ? A DG  1 N1    ? ? ? 1_555 B DC  6 N3 ? ? A DG  1 B DC  12 1_555 ? ? ? ? ? ? WATSON-CRICK ?     ? ? 
hydrog2  hydrog ?    ? A DG  1 N2    ? ? ? 1_555 B DC  6 O2 ? ? A DG  1 B DC  12 1_555 ? ? ? ? ? ? WATSON-CRICK ?     ? ? 
hydrog3  hydrog ?    ? A DG  1 O6    ? ? ? 1_555 B DC  6 N4 ? ? A DG  1 B DC  12 1_555 ? ? ? ? ? ? WATSON-CRICK ?     ? ? 
hydrog4  hydrog ?    ? A 5CM 2 N3    ? ? ? 1_555 B DG  5 N1 ? ? A 5CM 2 B DG  11 1_555 ? ? ? ? ? ? WATSON-CRICK ?     ? ? 
hydrog5  hydrog ?    ? A 5CM 2 N4    ? ? ? 1_555 B DG  5 O6 ? ? A 5CM 2 B DG  11 1_555 ? ? ? ? ? ? WATSON-CRICK ?     ? ? 
hydrog6  hydrog ?    ? A 5CM 2 O2    ? ? ? 1_555 B DG  5 N2 ? ? A 5CM 2 B DG  11 1_555 ? ? ? ? ? ? WATSON-CRICK ?     ? ? 
hydrog7  hydrog ?    ? A DG  3 N1    ? ? ? 1_555 B DC  4 N3 ? ? A DG  3 B DC  10 1_555 ? ? ? ? ? ? WATSON-CRICK ?     ? ? 
hydrog8  hydrog ?    ? A DG  3 N2    ? ? ? 1_555 B DC  4 O2 ? ? A DG  3 B DC  10 1_555 ? ? ? ? ? ? WATSON-CRICK ?     ? ? 
hydrog9  hydrog ?    ? A DG  3 O6    ? ? ? 1_555 B DC  4 N4 ? ? A DG  3 B DC  10 1_555 ? ? ? ? ? ? WATSON-CRICK ?     ? ? 
hydrog10 hydrog ?    ? A DC  4 N3    ? ? ? 1_555 B DG  3 N1 ? ? A DC  4 B DG  9  1_555 ? ? ? ? ? ? WATSON-CRICK ?     ? ? 
hydrog11 hydrog ?    ? A DC  4 N4    ? ? ? 1_555 B DG  3 O6 ? ? A DC  4 B DG  9  1_555 ? ? ? ? ? ? WATSON-CRICK ?     ? ? 
hydrog12 hydrog ?    ? A DC  4 O2    ? ? ? 1_555 B DG  3 N2 ? ? A DC  4 B DG  9  1_555 ? ? ? ? ? ? WATSON-CRICK ?     ? ? 
hydrog13 hydrog ?    ? A DG  5 N1    ? ? ? 1_555 B 5CM 2 N3 ? ? A DG  5 B 5CM 8  1_555 ? ? ? ? ? ? WATSON-CRICK ?     ? ? 
hydrog14 hydrog ?    ? A DG  5 N2    ? ? ? 1_555 B 5CM 2 O2 ? ? A DG  5 B 5CM 8  1_555 ? ? ? ? ? ? WATSON-CRICK ?     ? ? 
hydrog15 hydrog ?    ? A DG  5 O6    ? ? ? 1_555 B 5CM 2 N4 ? ? A DG  5 B 5CM 8  1_555 ? ? ? ? ? ? WATSON-CRICK ?     ? ? 
hydrog16 hydrog ?    ? A DC  6 N3    ? ? ? 1_555 B DG  1 N1 ? ? A DC  6 B DG  7  1_555 ? ? ? ? ? ? WATSON-CRICK ?     ? ? 
hydrog17 hydrog ?    ? A DC  6 N4    ? ? ? 1_555 B DG  1 O6 ? ? A DC  6 B DG  7  1_555 ? ? ? ? ? ? WATSON-CRICK ?     ? ? 
hydrog18 hydrog ?    ? A DC  6 O2    ? ? ? 1_555 B DG  1 N2 ? ? A DC  6 B DG  7  1_555 ? ? ? ? ? ? WATSON-CRICK ?     ? ? 
# 
loop_
_struct_conn_type.id 
_struct_conn_type.criteria 
_struct_conn_type.reference 
covale ? ? 
hydrog ? ? 
# 
loop_
_pdbx_validate_rmsd_bond.id 
_pdbx_validate_rmsd_bond.PDB_model_num 
_pdbx_validate_rmsd_bond.auth_atom_id_1 
_pdbx_validate_rmsd_bond.auth_asym_id_1 
_pdbx_validate_rmsd_bond.auth_comp_id_1 
_pdbx_validate_rmsd_bond.auth_seq_id_1 
_pdbx_validate_rmsd_bond.PDB_ins_code_1 
_pdbx_validate_rmsd_bond.label_alt_id_1 
_pdbx_validate_rmsd_bond.auth_atom_id_2 
_pdbx_validate_rmsd_bond.auth_asym_id_2 
_pdbx_validate_rmsd_bond.auth_comp_id_2 
_pdbx_validate_rmsd_bond.auth_seq_id_2 
_pdbx_validate_rmsd_bond.PDB_ins_code_2 
_pdbx_validate_rmsd_bond.label_alt_id_2 
_pdbx_validate_rmsd_bond.bond_value 
_pdbx_validate_rmsd_bond.bond_target_value 
_pdbx_validate_rmsd_bond.bond_deviation 
_pdbx_validate_rmsd_bond.bond_standard_deviation 
_pdbx_validate_rmsd_bond.linker_flag 
1 1 N1    A DG 3  ? ? C2    A DG 3  ? ? 1.312 1.373 -0.061 0.008 N 
2 1 C5    A DG 3  ? ? N7    A DG 3  ? ? 1.433 1.388 0.045  0.006 N 
3 1 C2    A DG 3  ? ? N2    A DG 3  ? ? 1.263 1.341 -0.078 0.010 N 
4 1 N1    A DG 5  ? ? C2    A DG 5  ? ? 1.322 1.373 -0.051 0.008 N 
5 1 C2    A DG 5  ? ? N2    A DG 5  ? ? 1.277 1.341 -0.064 0.010 N 
6 1 "C3'" A DC 6  ? ? "C2'" A DC 6  ? ? 1.467 1.516 -0.049 0.008 N 
7 1 "C3'" B DC 10 ? ? "C2'" B DC 10 ? ? 1.447 1.516 -0.069 0.008 N 
8 1 N3    B DG 11 ? ? C4    B DG 11 ? ? 1.392 1.350 0.042  0.007 N 
# 
loop_
_pdbx_validate_rmsd_angle.id 
_pdbx_validate_rmsd_angle.PDB_model_num 
_pdbx_validate_rmsd_angle.auth_atom_id_1 
_pdbx_validate_rmsd_angle.auth_asym_id_1 
_pdbx_validate_rmsd_angle.auth_comp_id_1 
_pdbx_validate_rmsd_angle.auth_seq_id_1 
_pdbx_validate_rmsd_angle.PDB_ins_code_1 
_pdbx_validate_rmsd_angle.label_alt_id_1 
_pdbx_validate_rmsd_angle.auth_atom_id_2 
_pdbx_validate_rmsd_angle.auth_asym_id_2 
_pdbx_validate_rmsd_angle.auth_comp_id_2 
_pdbx_validate_rmsd_angle.auth_seq_id_2 
_pdbx_validate_rmsd_angle.PDB_ins_code_2 
_pdbx_validate_rmsd_angle.label_alt_id_2 
_pdbx_validate_rmsd_angle.auth_atom_id_3 
_pdbx_validate_rmsd_angle.auth_asym_id_3 
_pdbx_validate_rmsd_angle.auth_comp_id_3 
_pdbx_validate_rmsd_angle.auth_seq_id_3 
_pdbx_validate_rmsd_angle.PDB_ins_code_3 
_pdbx_validate_rmsd_angle.label_alt_id_3 
_pdbx_validate_rmsd_angle.angle_value 
_pdbx_validate_rmsd_angle.angle_target_value 
_pdbx_validate_rmsd_angle.angle_deviation 
_pdbx_validate_rmsd_angle.angle_standard_deviation 
_pdbx_validate_rmsd_angle.linker_flag 
1  1 "C5'" A DG 1  ? ? "C4'" A DG 1  ? ? "O4'" A DG 1  ? ? 117.97 109.80 8.17  1.10 N 
2  1 "O4'" A DG 1  ? ? "C1'" A DG 1  ? ? N9    A DG 1  ? ? 114.25 108.30 5.95  0.30 N 
3  1 N1    A DG 3  ? ? C6    A DG 3  ? ? O6    A DG 3  ? ? 114.61 119.90 -5.29 0.60 N 
4  1 "O5'" A DC 4  ? ? "C5'" A DC 4  ? ? "C4'" A DC 4  ? ? 104.31 109.40 -5.09 0.80 N 
5  1 "O4'" A DC 4  ? ? "C1'" A DC 4  ? ? N1    A DC 4  ? ? 114.77 108.30 6.47  0.30 N 
6  1 "O4'" A DG 5  ? ? "C4'" A DG 5  ? ? "C3'" A DG 5  ? ? 100.80 104.50 -3.70 0.40 N 
7  1 "O4'" A DG 5  ? ? "C1'" A DG 5  ? ? N9    A DG 5  ? ? 111.69 108.30 3.39  0.30 N 
8  1 N1    A DG 5  ? ? C6    A DG 5  ? ? O6    A DG 5  ? ? 115.35 119.90 -4.55 0.60 N 
9  1 "C4'" A DC 6  ? ? "C3'" A DC 6  ? ? "C2'" A DC 6  ? ? 98.00  102.20 -4.20 0.70 N 
10 1 "O4'" A DC 6  ? ? "C1'" A DC 6  ? ? N1    A DC 6  ? ? 113.04 108.30 4.74  0.30 N 
11 1 C6    A DC 6  ? ? N1    A DC 6  ? ? C2    A DC 6  ? ? 122.80 120.30 2.50  0.40 N 
12 1 N1    A DC 6  ? ? C2    A DC 6  ? ? O2    A DC 6  ? ? 124.70 118.90 5.80  0.60 N 
13 1 "C5'" B DG 7  ? ? "C4'" B DG 7  ? ? "O4'" B DG 7  ? ? 116.95 109.80 7.15  1.10 N 
14 1 "O5'" B DG 9  ? ? "C5'" B DG 9  ? ? "C4'" B DG 9  ? ? 101.86 109.40 -7.54 0.80 N 
15 1 "O4'" B DG 9  ? ? "C4'" B DG 9  ? ? "C3'" B DG 9  ? ? 109.93 106.00 3.93  0.60 N 
16 1 "C1'" B DG 9  ? ? "O4'" B DG 9  ? ? "C4'" B DG 9  ? ? 102.32 110.10 -7.78 1.00 N 
17 1 "O4'" B DG 9  ? ? "C1'" B DG 9  ? ? "C2'" B DG 9  ? ? 111.07 106.80 4.27  0.50 N 
18 1 N1    B DG 9  ? ? C6    B DG 9  ? ? O6    B DG 9  ? ? 116.29 119.90 -3.61 0.60 N 
19 1 "C1'" B DC 10 ? ? "O4'" B DC 10 ? ? "C4'" B DC 10 ? ? 103.88 110.10 -6.22 1.00 N 
20 1 "O4'" B DC 10 ? ? "C1'" B DC 10 ? ? N1    B DC 10 ? ? 113.59 108.30 5.29  0.30 N 
21 1 C6    B DC 10 ? ? N1    B DC 10 ? ? C2    B DC 10 ? ? 123.40 120.30 3.10  0.40 N 
22 1 N1    B DC 10 ? ? C2    B DC 10 ? ? O2    B DC 10 ? ? 123.69 118.90 4.79  0.60 N 
23 1 "O4'" B DG 11 ? ? "C4'" B DG 11 ? ? "C3'" B DG 11 ? ? 101.40 104.50 -3.10 0.40 N 
24 1 "O4'" B DC 12 ? ? "C1'" B DC 12 ? ? N1    B DC 12 ? ? 115.38 108.30 7.08  0.30 N 
# 
loop_
_pdbx_validate_planes.id 
_pdbx_validate_planes.PDB_model_num 
_pdbx_validate_planes.auth_comp_id 
_pdbx_validate_planes.auth_asym_id 
_pdbx_validate_planes.auth_seq_id 
_pdbx_validate_planes.PDB_ins_code 
_pdbx_validate_planes.label_alt_id 
_pdbx_validate_planes.rmsd 
_pdbx_validate_planes.type 
1 1 DG A 5  ? ? 0.094 'SIDE CHAIN' 
2 1 DC B 10 ? ? 0.083 'SIDE CHAIN' 
# 
loop_
_pdbx_struct_mod_residue.id 
_pdbx_struct_mod_residue.label_asym_id 
_pdbx_struct_mod_residue.label_comp_id 
_pdbx_struct_mod_residue.label_seq_id 
_pdbx_struct_mod_residue.auth_asym_id 
_pdbx_struct_mod_residue.auth_comp_id 
_pdbx_struct_mod_residue.auth_seq_id 
_pdbx_struct_mod_residue.PDB_ins_code 
_pdbx_struct_mod_residue.parent_comp_id 
_pdbx_struct_mod_residue.details 
1 A 5CM 2 A 5CM 2 ? DC ? 
2 B 5CM 2 B 5CM 8 ? DC ? 
# 
loop_
_refine_B_iso.class 
_refine_B_iso.details 
_refine_B_iso.treatment 
_refine_B_iso.pdbx_refine_id 
'ALL ATOMS'  TR isotropic 'X-RAY DIFFRACTION' 
'ALL WATERS' TR isotropic 'X-RAY DIFFRACTION' 
# 
loop_
_refine_occupancy.class 
_refine_occupancy.treatment 
_refine_occupancy.pdbx_refine_id 
'ALL ATOMS'  fix 'X-RAY DIFFRACTION' 
'ALL WATERS' fix 'X-RAY DIFFRACTION' 
# 
loop_
_chem_comp_atom.comp_id 
_chem_comp_atom.atom_id 
_chem_comp_atom.type_symbol 
_chem_comp_atom.pdbx_aromatic_flag 
_chem_comp_atom.pdbx_stereo_config 
_chem_comp_atom.pdbx_ordinal 
5CM N1     N N N 1   
5CM C2     C N N 2   
5CM N3     N N N 3   
5CM C4     C N N 4   
5CM C5     C N N 5   
5CM C5A    C N N 6   
5CM C6     C N N 7   
5CM O2     O N N 8   
5CM N4     N N N 9   
5CM "C1'"  C N R 10  
5CM "C2'"  C N N 11  
5CM "C3'"  C N S 12  
5CM "C4'"  C N R 13  
5CM "O4'"  O N N 14  
5CM "O3'"  O N N 15  
5CM "C5'"  C N N 16  
5CM "O5'"  O N N 17  
5CM P      P N N 18  
5CM OP1    O N N 19  
5CM OP2    O N N 20  
5CM OP3    O N N 21  
5CM H5A1   H N N 22  
5CM H5A2   H N N 23  
5CM H5A3   H N N 24  
5CM H6     H N N 25  
5CM HN41   H N N 26  
5CM HN42   H N N 27  
5CM "H1'"  H N N 28  
5CM "H2'"  H N N 29  
5CM "H2''" H N N 30  
5CM "H3'"  H N N 31  
5CM "H4'"  H N N 32  
5CM "HO3'" H N N 33  
5CM "H5'"  H N N 34  
5CM "H5''" H N N 35  
5CM HOP2   H N N 36  
5CM HOP3   H N N 37  
DC  OP3    O N N 38  
DC  P      P N N 39  
DC  OP1    O N N 40  
DC  OP2    O N N 41  
DC  "O5'"  O N N 42  
DC  "C5'"  C N N 43  
DC  "C4'"  C N R 44  
DC  "O4'"  O N N 45  
DC  "C3'"  C N S 46  
DC  "O3'"  O N N 47  
DC  "C2'"  C N N 48  
DC  "C1'"  C N R 49  
DC  N1     N N N 50  
DC  C2     C N N 51  
DC  O2     O N N 52  
DC  N3     N N N 53  
DC  C4     C N N 54  
DC  N4     N N N 55  
DC  C5     C N N 56  
DC  C6     C N N 57  
DC  HOP3   H N N 58  
DC  HOP2   H N N 59  
DC  "H5'"  H N N 60  
DC  "H5''" H N N 61  
DC  "H4'"  H N N 62  
DC  "H3'"  H N N 63  
DC  "HO3'" H N N 64  
DC  "H2'"  H N N 65  
DC  "H2''" H N N 66  
DC  "H1'"  H N N 67  
DC  H41    H N N 68  
DC  H42    H N N 69  
DC  H5     H N N 70  
DC  H6     H N N 71  
DG  OP3    O N N 72  
DG  P      P N N 73  
DG  OP1    O N N 74  
DG  OP2    O N N 75  
DG  "O5'"  O N N 76  
DG  "C5'"  C N N 77  
DG  "C4'"  C N R 78  
DG  "O4'"  O N N 79  
DG  "C3'"  C N S 80  
DG  "O3'"  O N N 81  
DG  "C2'"  C N N 82  
DG  "C1'"  C N R 83  
DG  N9     N Y N 84  
DG  C8     C Y N 85  
DG  N7     N Y N 86  
DG  C5     C Y N 87  
DG  C6     C N N 88  
DG  O6     O N N 89  
DG  N1     N N N 90  
DG  C2     C N N 91  
DG  N2     N N N 92  
DG  N3     N N N 93  
DG  C4     C Y N 94  
DG  HOP3   H N N 95  
DG  HOP2   H N N 96  
DG  "H5'"  H N N 97  
DG  "H5''" H N N 98  
DG  "H4'"  H N N 99  
DG  "H3'"  H N N 100 
DG  "HO3'" H N N 101 
DG  "H2'"  H N N 102 
DG  "H2''" H N N 103 
DG  "H1'"  H N N 104 
DG  H8     H N N 105 
DG  H1     H N N 106 
DG  H21    H N N 107 
DG  H22    H N N 108 
HOH O      O N N 109 
HOH H1     H N N 110 
HOH H2     H N N 111 
# 
loop_
_chem_comp_bond.comp_id 
_chem_comp_bond.atom_id_1 
_chem_comp_bond.atom_id_2 
_chem_comp_bond.value_order 
_chem_comp_bond.pdbx_aromatic_flag 
_chem_comp_bond.pdbx_stereo_config 
_chem_comp_bond.pdbx_ordinal 
5CM N1    C2     sing N N 1   
5CM N1    C6     sing N N 2   
5CM N1    "C1'"  sing N N 3   
5CM C2    N3     sing N N 4   
5CM C2    O2     doub N N 5   
5CM N3    C4     doub N N 6   
5CM C4    C5     sing N N 7   
5CM C4    N4     sing N N 8   
5CM C5    C5A    sing N N 9   
5CM C5    C6     doub N N 10  
5CM C5A   H5A1   sing N N 11  
5CM C5A   H5A2   sing N N 12  
5CM C5A   H5A3   sing N N 13  
5CM C6    H6     sing N N 14  
5CM N4    HN41   sing N N 15  
5CM N4    HN42   sing N N 16  
5CM "C1'" "C2'"  sing N N 17  
5CM "C1'" "O4'"  sing N N 18  
5CM "C1'" "H1'"  sing N N 19  
5CM "C2'" "C3'"  sing N N 20  
5CM "C2'" "H2'"  sing N N 21  
5CM "C2'" "H2''" sing N N 22  
5CM "C3'" "C4'"  sing N N 23  
5CM "C3'" "O3'"  sing N N 24  
5CM "C3'" "H3'"  sing N N 25  
5CM "C4'" "O4'"  sing N N 26  
5CM "C4'" "C5'"  sing N N 27  
5CM "C4'" "H4'"  sing N N 28  
5CM "O3'" "HO3'" sing N N 29  
5CM "C5'" "O5'"  sing N N 30  
5CM "C5'" "H5'"  sing N N 31  
5CM "C5'" "H5''" sing N N 32  
5CM "O5'" P      sing N N 33  
5CM P     OP1    doub N N 34  
5CM P     OP2    sing N N 35  
5CM P     OP3    sing N N 36  
5CM OP2   HOP2   sing N N 37  
5CM OP3   HOP3   sing N N 38  
DC  OP3   P      sing N N 39  
DC  OP3   HOP3   sing N N 40  
DC  P     OP1    doub N N 41  
DC  P     OP2    sing N N 42  
DC  P     "O5'"  sing N N 43  
DC  OP2   HOP2   sing N N 44  
DC  "O5'" "C5'"  sing N N 45  
DC  "C5'" "C4'"  sing N N 46  
DC  "C5'" "H5'"  sing N N 47  
DC  "C5'" "H5''" sing N N 48  
DC  "C4'" "O4'"  sing N N 49  
DC  "C4'" "C3'"  sing N N 50  
DC  "C4'" "H4'"  sing N N 51  
DC  "O4'" "C1'"  sing N N 52  
DC  "C3'" "O3'"  sing N N 53  
DC  "C3'" "C2'"  sing N N 54  
DC  "C3'" "H3'"  sing N N 55  
DC  "O3'" "HO3'" sing N N 56  
DC  "C2'" "C1'"  sing N N 57  
DC  "C2'" "H2'"  sing N N 58  
DC  "C2'" "H2''" sing N N 59  
DC  "C1'" N1     sing N N 60  
DC  "C1'" "H1'"  sing N N 61  
DC  N1    C2     sing N N 62  
DC  N1    C6     sing N N 63  
DC  C2    O2     doub N N 64  
DC  C2    N3     sing N N 65  
DC  N3    C4     doub N N 66  
DC  C4    N4     sing N N 67  
DC  C4    C5     sing N N 68  
DC  N4    H41    sing N N 69  
DC  N4    H42    sing N N 70  
DC  C5    C6     doub N N 71  
DC  C5    H5     sing N N 72  
DC  C6    H6     sing N N 73  
DG  OP3   P      sing N N 74  
DG  OP3   HOP3   sing N N 75  
DG  P     OP1    doub N N 76  
DG  P     OP2    sing N N 77  
DG  P     "O5'"  sing N N 78  
DG  OP2   HOP2   sing N N 79  
DG  "O5'" "C5'"  sing N N 80  
DG  "C5'" "C4'"  sing N N 81  
DG  "C5'" "H5'"  sing N N 82  
DG  "C5'" "H5''" sing N N 83  
DG  "C4'" "O4'"  sing N N 84  
DG  "C4'" "C3'"  sing N N 85  
DG  "C4'" "H4'"  sing N N 86  
DG  "O4'" "C1'"  sing N N 87  
DG  "C3'" "O3'"  sing N N 88  
DG  "C3'" "C2'"  sing N N 89  
DG  "C3'" "H3'"  sing N N 90  
DG  "O3'" "HO3'" sing N N 91  
DG  "C2'" "C1'"  sing N N 92  
DG  "C2'" "H2'"  sing N N 93  
DG  "C2'" "H2''" sing N N 94  
DG  "C1'" N9     sing N N 95  
DG  "C1'" "H1'"  sing N N 96  
DG  N9    C8     sing Y N 97  
DG  N9    C4     sing Y N 98  
DG  C8    N7     doub Y N 99  
DG  C8    H8     sing N N 100 
DG  N7    C5     sing Y N 101 
DG  C5    C6     sing N N 102 
DG  C5    C4     doub Y N 103 
DG  C6    O6     doub N N 104 
DG  C6    N1     sing N N 105 
DG  N1    C2     sing N N 106 
DG  N1    H1     sing N N 107 
DG  C2    N2     sing N N 108 
DG  C2    N3     doub N N 109 
DG  N2    H21    sing N N 110 
DG  N2    H22    sing N N 111 
DG  N3    C4     sing N N 112 
HOH O     H1     sing N N 113 
HOH O     H2     sing N N 114 
# 
_ndb_struct_conf_na.entry_id   256D 
_ndb_struct_conf_na.feature    'a-form double helix' 
# 
loop_
_ndb_struct_na_base_pair.model_number 
_ndb_struct_na_base_pair.i_label_asym_id 
_ndb_struct_na_base_pair.i_label_comp_id 
_ndb_struct_na_base_pair.i_label_seq_id 
_ndb_struct_na_base_pair.i_symmetry 
_ndb_struct_na_base_pair.j_label_asym_id 
_ndb_struct_na_base_pair.j_label_comp_id 
_ndb_struct_na_base_pair.j_label_seq_id 
_ndb_struct_na_base_pair.j_symmetry 
_ndb_struct_na_base_pair.shear 
_ndb_struct_na_base_pair.stretch 
_ndb_struct_na_base_pair.stagger 
_ndb_struct_na_base_pair.buckle 
_ndb_struct_na_base_pair.propeller 
_ndb_struct_na_base_pair.opening 
_ndb_struct_na_base_pair.pair_number 
_ndb_struct_na_base_pair.pair_name 
_ndb_struct_na_base_pair.i_auth_asym_id 
_ndb_struct_na_base_pair.i_auth_seq_id 
_ndb_struct_na_base_pair.i_PDB_ins_code 
_ndb_struct_na_base_pair.j_auth_asym_id 
_ndb_struct_na_base_pair.j_auth_seq_id 
_ndb_struct_na_base_pair.j_PDB_ins_code 
_ndb_struct_na_base_pair.hbond_type_28 
_ndb_struct_na_base_pair.hbond_type_12 
1 A DG  1 1_555 B DC  6 1_555 -0.858 -0.104 0.153  -8.629 -3.153  -4.531 1 A_DG1:DC12_B  A 1 ? B 12 ? 19 1 
1 A 5CM 2 1_555 B DG  5 1_555 -0.035 0.040  0.155  2.537  -10.562 -0.917 2 A_5CM2:DG11_B A 2 ? B 11 ? 19 1 
1 A DG  3 1_555 B DC  4 1_555 -0.210 -0.033 -0.014 -3.179 -11.153 0.347  3 A_DG3:DC10_B  A 3 ? B 10 ? 19 1 
1 A DC  4 1_555 B DG  3 1_555 0.046  0.106  0.003  -2.805 -5.726  3.967  4 A_DC4:DG9_B   A 4 ? B 9  ? 19 1 
1 A DG  5 1_555 B 5CM 2 1_555 -0.395 -0.087 0.267  -1.963 -17.814 -1.348 5 A_DG5:5CM8_B  A 5 ? B 8  ? 19 1 
1 A DC  6 1_555 B DG  1 1_555 0.654  0.010  -0.048 3.641  -3.656  -3.093 6 A_DC6:DG7_B   A 6 ? B 7  ? 19 1 
# 
loop_
_ndb_struct_na_base_pair_step.model_number 
_ndb_struct_na_base_pair_step.i_label_asym_id_1 
_ndb_struct_na_base_pair_step.i_label_comp_id_1 
_ndb_struct_na_base_pair_step.i_label_seq_id_1 
_ndb_struct_na_base_pair_step.i_symmetry_1 
_ndb_struct_na_base_pair_step.j_label_asym_id_1 
_ndb_struct_na_base_pair_step.j_label_comp_id_1 
_ndb_struct_na_base_pair_step.j_label_seq_id_1 
_ndb_struct_na_base_pair_step.j_symmetry_1 
_ndb_struct_na_base_pair_step.i_label_asym_id_2 
_ndb_struct_na_base_pair_step.i_label_comp_id_2 
_ndb_struct_na_base_pair_step.i_label_seq_id_2 
_ndb_struct_na_base_pair_step.i_symmetry_2 
_ndb_struct_na_base_pair_step.j_label_asym_id_2 
_ndb_struct_na_base_pair_step.j_label_comp_id_2 
_ndb_struct_na_base_pair_step.j_label_seq_id_2 
_ndb_struct_na_base_pair_step.j_symmetry_2 
_ndb_struct_na_base_pair_step.shift 
_ndb_struct_na_base_pair_step.slide 
_ndb_struct_na_base_pair_step.rise 
_ndb_struct_na_base_pair_step.tilt 
_ndb_struct_na_base_pair_step.roll 
_ndb_struct_na_base_pair_step.twist 
_ndb_struct_na_base_pair_step.x_displacement 
_ndb_struct_na_base_pair_step.y_displacement 
_ndb_struct_na_base_pair_step.helical_rise 
_ndb_struct_na_base_pair_step.inclination 
_ndb_struct_na_base_pair_step.tip 
_ndb_struct_na_base_pair_step.helical_twist 
_ndb_struct_na_base_pair_step.step_number 
_ndb_struct_na_base_pair_step.step_name 
_ndb_struct_na_base_pair_step.i_auth_asym_id_1 
_ndb_struct_na_base_pair_step.i_auth_seq_id_1 
_ndb_struct_na_base_pair_step.i_PDB_ins_code_1 
_ndb_struct_na_base_pair_step.j_auth_asym_id_1 
_ndb_struct_na_base_pair_step.j_auth_seq_id_1 
_ndb_struct_na_base_pair_step.j_PDB_ins_code_1 
_ndb_struct_na_base_pair_step.i_auth_asym_id_2 
_ndb_struct_na_base_pair_step.i_auth_seq_id_2 
_ndb_struct_na_base_pair_step.i_PDB_ins_code_2 
_ndb_struct_na_base_pair_step.j_auth_asym_id_2 
_ndb_struct_na_base_pair_step.j_auth_seq_id_2 
_ndb_struct_na_base_pair_step.j_PDB_ins_code_2 
1 A DG  1 1_555 B DC  6 1_555 A 5CM 2 1_555 B DG  5 1_555 -0.433 -1.597 3.031 0.554  4.336  35.698 -3.141 0.772  2.817 7.040  
-0.899 35.956 1 AA_DG15CM2:DG11DC12_BB A 1 ? B 12 ? A 2 ? B 11 ? 
1 A 5CM 2 1_555 B DG  5 1_555 A DG  3 1_555 B DC  4 1_555 0.653  -1.787 3.406 2.316  11.610 24.335 -6.575 -0.850 2.371 25.688 
-5.124 27.023 2 AA_5CM2DG3:DC10DG11_BB A 2 ? B 11 ? A 3 ? B 10 ? 
1 A DG  3 1_555 B DC  4 1_555 A DC  4 1_555 B DG  3 1_555 0.218  -1.818 3.282 -1.336 11.941 33.904 -4.507 -0.527 2.509 19.723 
2.207  35.911 3 AA_DG3DC4:DG9DC10_BB   A 3 ? B 10 ? A 4 ? B 9  ? 
1 A DC  4 1_555 B DG  3 1_555 A DG  5 1_555 B 5CM 2 1_555 -0.726 -2.000 3.169 -0.942 14.855 22.979 -7.186 1.350  1.625 33.191 
2.105  27.324 4 AA_DC4DG5:5CM8DG9_BB   A 4 ? B 9  ? A 5 ? B 8  ? 
1 A DG  5 1_555 B 5CM 2 1_555 A DC  6 1_555 B DG  1 1_555 0.372  -1.357 3.242 1.274  1.747  36.124 -2.427 -0.423 3.186 2.815  
-2.053 36.187 5 AA_DG5DC6:DG75CM8_BB   A 5 ? B 8  ? A 6 ? B 7  ? 
# 
_atom_sites.entry_id                    256D 
_atom_sites.fract_transf_matrix[1][1]   0.00965379 
_atom_sites.fract_transf_matrix[1][2]   -0.01295073 
_atom_sites.fract_transf_matrix[1][3]   0.01954377 
_atom_sites.fract_transf_matrix[2][1]   0.02015878 
_atom_sites.fract_transf_matrix[2][2]   0.00392951 
_atom_sites.fract_transf_matrix[2][3]   -0.00735368 
_atom_sites.fract_transf_matrix[3][1]   0.00084350 
_atom_sites.fract_transf_matrix[3][2]   0.02127134 
_atom_sites.fract_transf_matrix[3][3]   0.01367886 
_atom_sites.fract_transf_vector[1]      0.257439 
_atom_sites.fract_transf_vector[2]      0.247844 
_atom_sites.fract_transf_vector[3]      0.008893 
# 
loop_
_atom_type.symbol 
C 
N 
O 
P 
# 
loop_
_atom_site.group_PDB 
_atom_site.id 
_atom_site.type_symbol 
_atom_site.label_atom_id 
_atom_site.label_alt_id 
_atom_site.label_comp_id 
_atom_site.label_asym_id 
_atom_site.label_entity_id 
_atom_site.label_seq_id 
_atom_site.pdbx_PDB_ins_code 
_atom_site.Cartn_x 
_atom_site.Cartn_y 
_atom_site.Cartn_z 
_atom_site.occupancy 
_atom_site.B_iso_or_equiv 
_atom_site.pdbx_formal_charge 
_atom_site.auth_seq_id 
_atom_site.auth_comp_id 
_atom_site.auth_asym_id 
_atom_site.auth_atom_id 
_atom_site.pdbx_PDB_model_num 
ATOM   1   O "O5'" . DG  A 1 1 ? 6.570   -3.139  9.577   1.00 29.93 ? 1  DG  A "O5'" 1 
ATOM   2   C "C5'" . DG  A 1 1 ? 7.344   -4.179  10.222  1.00 24.06 ? 1  DG  A "C5'" 1 
ATOM   3   C "C4'" . DG  A 1 1 ? 7.272   -5.553  9.549   1.00 20.46 ? 1  DG  A "C4'" 1 
ATOM   4   O "O4'" . DG  A 1 1 ? 6.122   -6.376  9.817   1.00 19.09 ? 1  DG  A "O4'" 1 
ATOM   5   C "C3'" . DG  A 1 1 ? 7.365   -5.452  8.036   1.00 18.87 ? 1  DG  A "C3'" 1 
ATOM   6   O "O3'" . DG  A 1 1 ? 8.705   -5.303  7.625   1.00 20.73 ? 1  DG  A "O3'" 1 
ATOM   7   C "C2'" . DG  A 1 1 ? 6.792   -6.782  7.591   1.00 17.37 ? 1  DG  A "C2'" 1 
ATOM   8   C "C1'" . DG  A 1 1 ? 5.707   -6.989  8.575   1.00 16.32 ? 1  DG  A "C1'" 1 
ATOM   9   N N9    . DG  A 1 1 ? 4.403   -6.522  8.077   1.00 14.08 ? 1  DG  A N9    1 
ATOM   10  C C8    . DG  A 1 1 ? 3.614   -5.551  8.603   1.00 12.09 ? 1  DG  A C8    1 
ATOM   11  N N7    . DG  A 1 1 ? 2.505   -5.329  7.961   1.00 13.49 ? 1  DG  A N7    1 
ATOM   12  C C5    . DG  A 1 1 ? 2.538   -6.226  6.916   1.00 10.07 ? 1  DG  A C5    1 
ATOM   13  C C6    . DG  A 1 1 ? 1.585   -6.441  5.903   1.00 9.67  ? 1  DG  A C6    1 
ATOM   14  O O6    . DG  A 1 1 ? 0.492   -5.931  5.756   1.00 9.01  ? 1  DG  A O6    1 
ATOM   15  N N1    . DG  A 1 1 ? 1.991   -7.395  5.031   1.00 7.11  ? 1  DG  A N1    1 
ATOM   16  C C2    . DG  A 1 1 ? 3.115   -8.108  5.160   1.00 6.76  ? 1  DG  A C2    1 
ATOM   17  N N2    . DG  A 1 1 ? 3.251   -9.061  4.266   1.00 3.23  ? 1  DG  A N2    1 
ATOM   18  N N3    . DG  A 1 1 ? 4.047   -7.952  6.100   1.00 8.62  ? 1  DG  A N3    1 
ATOM   19  C C4    . DG  A 1 1 ? 3.691   -6.972  6.958   1.00 10.46 ? 1  DG  A C4    1 
HETATM 20  N N1    . 5CM A 1 2 ? 5.461   -6.504  2.951   1.00 17.52 ? 2  5CM A N1    1 
HETATM 21  C C2    . 5CM A 1 2 ? 4.276   -6.570  2.187   1.00 19.32 ? 2  5CM A C2    1 
HETATM 22  N N3    . 5CM A 1 2 ? 3.248   -5.708  2.512   1.00 16.12 ? 2  5CM A N3    1 
HETATM 23  C C4    . 5CM A 1 2 ? 3.406   -4.820  3.521   1.00 15.16 ? 2  5CM A C4    1 
HETATM 24  C C5    . 5CM A 1 2 ? 4.642   -4.686  4.259   1.00 11.46 ? 2  5CM A C5    1 
HETATM 25  C C5A   . 5CM A 1 2 ? 4.807   -3.652  5.331   1.00 6.62  ? 2  5CM A C5A   1 
HETATM 26  C C6    . 5CM A 1 2 ? 5.627   -5.571  3.970   1.00 13.50 ? 2  5CM A C6    1 
HETATM 27  O O2    . 5CM A 1 2 ? 4.146   -7.360  1.235   1.00 18.57 ? 2  5CM A O2    1 
HETATM 28  N N4    . 5CM A 1 2 ? 2.337   -4.076  3.859   1.00 16.53 ? 2  5CM A N4    1 
HETATM 29  C "C1'" . 5CM A 1 2 ? 6.484   -7.562  2.688   1.00 19.83 ? 2  5CM A "C1'" 1 
HETATM 30  C "C2'" . 5CM A 1 2 ? 7.418   -7.366  1.559   1.00 22.85 ? 2  5CM A "C2'" 1 
HETATM 31  C "C3'" . 5CM A 1 2 ? 8.499   -6.567  2.266   1.00 24.06 ? 2  5CM A "C3'" 1 
HETATM 32  C "C4'" . 5CM A 1 2 ? 8.659   -7.379  3.533   1.00 20.99 ? 2  5CM A "C4'" 1 
HETATM 33  O "O4'" . 5CM A 1 2 ? 7.341   -7.819  3.809   1.00 20.62 ? 2  5CM A "O4'" 1 
HETATM 34  O "O3'" . 5CM A 1 2 ? 9.710   -6.448  1.556   1.00 29.92 ? 2  5CM A "O3'" 1 
HETATM 35  C "C5'" . 5CM A 1 2 ? 9.348   -6.660  4.698   1.00 19.33 ? 2  5CM A "C5'" 1 
HETATM 36  O "O5'" . 5CM A 1 2 ? 8.703   -5.434  5.022   1.00 19.59 ? 2  5CM A "O5'" 1 
HETATM 37  P P     . 5CM A 1 2 ? 9.193   -4.540  6.270   1.00 23.37 ? 2  5CM A P     1 
HETATM 38  O OP1   . 5CM A 1 2 ? 10.651  -4.671  6.263   1.00 22.67 ? 2  5CM A OP1   1 
HETATM 39  O OP2   . 5CM A 1 2 ? 8.583   -3.161  6.189   1.00 18.57 ? 2  5CM A OP2   1 
ATOM   40  P P     . DG  A 1 3 ? 10.103  -5.085  0.751   1.00 34.76 ? 3  DG  A P     1 
ATOM   41  O OP1   . DG  A 1 3 ? 11.490  -5.317  0.254   1.00 35.83 ? 3  DG  A OP1   1 
ATOM   42  O OP2   . DG  A 1 3 ? 9.735   -3.871  1.522   1.00 35.17 ? 3  DG  A OP2   1 
ATOM   43  O "O5'" . DG  A 1 3 ? 9.142   -5.250  -0.493  1.00 33.13 ? 3  DG  A "O5'" 1 
ATOM   44  C "C5'" . DG  A 1 3 ? 8.558   -4.144  -1.121  1.00 31.39 ? 3  DG  A "C5'" 1 
ATOM   45  C "C4'" . DG  A 1 3 ? 7.446   -4.690  -1.977  1.00 29.16 ? 3  DG  A "C4'" 1 
ATOM   46  O "O4'" . DG  A 1 3 ? 6.477   -5.337  -1.142  1.00 28.37 ? 3  DG  A "O4'" 1 
ATOM   47  C "C3'" . DG  A 1 3 ? 6.746   -3.635  -2.803  1.00 28.21 ? 3  DG  A "C3'" 1 
ATOM   48  O "O3'" . DG  A 1 3 ? 7.556   -3.432  -3.934  1.00 28.07 ? 3  DG  A "O3'" 1 
ATOM   49  C "C2'" . DG  A 1 3 ? 5.420   -4.320  -3.035  1.00 26.66 ? 3  DG  A "C2'" 1 
ATOM   50  C "C1'" . DG  A 1 3 ? 5.216   -4.963  -1.693  1.00 22.39 ? 3  DG  A "C1'" 1 
ATOM   51  N N9    . DG  A 1 3 ? 4.576   -4.042  -0.713  1.00 19.20 ? 3  DG  A N9    1 
ATOM   52  C C8    . DG  A 1 3 ? 5.096   -3.485  0.456   1.00 15.97 ? 3  DG  A C8    1 
ATOM   53  N N7    . DG  A 1 3 ? 4.217   -2.708  1.088   1.00 14.94 ? 3  DG  A N7    1 
ATOM   54  C C5    . DG  A 1 3 ? 3.024   -2.802  0.300   1.00 11.90 ? 3  DG  A C5    1 
ATOM   55  C C6    . DG  A 1 3 ? 1.710   -2.209  0.400   1.00 11.37 ? 3  DG  A C6    1 
ATOM   56  O O6    . DG  A 1 3 ? 1.209   -1.501  1.238   1.00 9.87  ? 3  DG  A O6    1 
ATOM   57  N N1    . DG  A 1 3 ? 0.892   -2.529  -0.631  1.00 10.04 ? 3  DG  A N1    1 
ATOM   58  C C2    . DG  A 1 3 ? 1.234   -3.297  -1.639  1.00 5.89  ? 3  DG  A C2    1 
ATOM   59  N N2    . DG  A 1 3 ? 0.396   -3.449  -2.572  1.00 5.49  ? 3  DG  A N2    1 
ATOM   60  N N3    . DG  A 1 3 ? 2.363   -3.884  -1.755  1.00 9.14  ? 3  DG  A N3    1 
ATOM   61  C C4    . DG  A 1 3 ? 3.241   -3.603  -0.776  1.00 12.70 ? 3  DG  A C4    1 
ATOM   62  P P     . DC  A 1 4 ? 7.692   -1.962  -4.472  1.00 27.02 ? 4  DC  A P     1 
ATOM   63  O OP1   . DC  A 1 4 ? 8.707   -1.987  -5.558  1.00 25.88 ? 4  DC  A OP1   1 
ATOM   64  O OP2   . DC  A 1 4 ? 7.806   -1.015  -3.336  1.00 29.08 ? 4  DC  A OP2   1 
ATOM   65  O "O5'" . DC  A 1 4 ? 6.257   -1.770  -5.059  1.00 24.31 ? 4  DC  A "O5'" 1 
ATOM   66  C "C5'" . DC  A 1 4 ? 5.840   -2.221  -6.333  1.00 23.03 ? 4  DC  A "C5'" 1 
ATOM   67  C "C4'" . DC  A 1 4 ? 4.463   -1.638  -6.503  1.00 22.88 ? 4  DC  A "C4'" 1 
ATOM   68  O "O4'" . DC  A 1 4 ? 3.600   -2.043  -5.390  1.00 22.58 ? 4  DC  A "O4'" 1 
ATOM   69  C "C3'" . DC  A 1 4 ? 4.467   -0.130  -6.410  1.00 21.97 ? 4  DC  A "C3'" 1 
ATOM   70  O "O3'" . DC  A 1 4 ? 4.923   0.476   -7.614  1.00 23.99 ? 4  DC  A "O3'" 1 
ATOM   71  C "C2'" . DC  A 1 4 ? 3.001   0.090   -6.126  1.00 19.41 ? 4  DC  A "C2'" 1 
ATOM   72  C "C1'" . DC  A 1 4 ? 2.679   -0.967  -5.129  1.00 16.50 ? 4  DC  A "C1'" 1 
ATOM   73  N N1    . DC  A 1 4 ? 2.681   -0.480  -3.751  1.00 14.68 ? 4  DC  A N1    1 
ATOM   74  C C2    . DC  A 1 4 ? 1.542   0.175   -3.291  1.00 13.20 ? 4  DC  A C2    1 
ATOM   75  O O2    . DC  A 1 4 ? 0.608   0.429   -4.049  1.00 11.81 ? 4  DC  A O2    1 
ATOM   76  N N3    . DC  A 1 4 ? 1.509   0.599   -1.984  1.00 8.87  ? 4  DC  A N3    1 
ATOM   77  C C4    . DC  A 1 4 ? 2.585   0.447   -1.222  1.00 9.12  ? 4  DC  A C4    1 
ATOM   78  N N4    . DC  A 1 4 ? 2.583   0.985   -0.013  1.00 10.50 ? 4  DC  A N4    1 
ATOM   79  C C5    . DC  A 1 4 ? 3.747   -0.206  -1.682  1.00 11.52 ? 4  DC  A C5    1 
ATOM   80  C C6    . DC  A 1 4 ? 3.761   -0.673  -2.957  1.00 14.82 ? 4  DC  A C6    1 
ATOM   81  P P     . DG  A 1 5 ? 5.312   2.037   -7.576  1.00 29.01 ? 5  DG  A P     1 
ATOM   82  O OP1   . DG  A 1 5 ? 5.886   2.308   -8.910  1.00 31.40 ? 5  DG  A OP1   1 
ATOM   83  O OP2   . DG  A 1 5 ? 6.082   2.347   -6.344  1.00 25.83 ? 5  DG  A OP2   1 
ATOM   84  O "O5'" . DG  A 1 5 ? 3.967   2.940   -7.524  1.00 26.13 ? 5  DG  A "O5'" 1 
ATOM   85  C "C5'" . DG  A 1 5 ? 3.062   3.088   -8.629  1.00 19.39 ? 5  DG  A "C5'" 1 
ATOM   86  C "C4'" . DG  A 1 5 ? 1.825   3.832   -8.112  1.00 14.34 ? 5  DG  A "C4'" 1 
ATOM   87  O "O4'" . DG  A 1 5 ? 1.408   3.167   -6.918  1.00 15.27 ? 5  DG  A "O4'" 1 
ATOM   88  C "C3'" . DG  A 1 5 ? 2.034   5.232   -7.598  1.00 11.98 ? 5  DG  A "C3'" 1 
ATOM   89  O "O3'" . DG  A 1 5 ? 2.147   6.222   -8.605  1.00 11.26 ? 5  DG  A "O3'" 1 
ATOM   90  C "C2'" . DG  A 1 5 ? 0.802   5.428   -6.809  1.00 9.65  ? 5  DG  A "C2'" 1 
ATOM   91  C "C1'" . DG  A 1 5 ? 0.642   4.098   -6.157  1.00 9.90  ? 5  DG  A "C1'" 1 
ATOM   92  N N9    . DG  A 1 5 ? 1.080   4.150   -4.774  1.00 4.99  ? 5  DG  A N9    1 
ATOM   93  C C8    . DG  A 1 5 ? 2.244   3.739   -4.223  1.00 6.64  ? 5  DG  A C8    1 
ATOM   94  N N7    . DG  A 1 5 ? 2.358   3.979   -2.933  1.00 5.18  ? 5  DG  A N7    1 
ATOM   95  C C5    . DG  A 1 5 ? 1.115   4.569   -2.612  1.00 6.41  ? 5  DG  A C5    1 
ATOM   96  C C6    . DG  A 1 5 ? 0.575   5.048   -1.363  1.00 8.57  ? 5  DG  A C6    1 
ATOM   97  O O6    . DG  A 1 5 ? 0.964   4.905   -0.216  1.00 10.08 ? 5  DG  A O6    1 
ATOM   98  N N1    . DG  A 1 5 ? -0.643  5.688   -1.500  1.00 7.78  ? 5  DG  A N1    1 
ATOM   99  C C2    . DG  A 1 5 ? -1.255  5.870   -2.658  1.00 4.77  ? 5  DG  A C2    1 
ATOM   100 N N2    . DG  A 1 5 ? -2.267  6.648   -2.652  1.00 7.49  ? 5  DG  A N2    1 
ATOM   101 N N3    . DG  A 1 5 ? -0.874  5.345   -3.802  1.00 2.72  ? 5  DG  A N3    1 
ATOM   102 C C4    . DG  A 1 5 ? 0.347   4.712   -3.739  1.00 5.81  ? 5  DG  A C4    1 
ATOM   103 P P     . DC  A 1 6 ? 3.192   7.473   -8.371  1.00 14.37 ? 6  DC  A P     1 
ATOM   104 O OP1   . DC  A 1 6 ? 3.484   8.090   -9.691  1.00 12.04 ? 6  DC  A OP1   1 
ATOM   105 O OP2   . DC  A 1 6 ? 4.299   7.036   -7.468  1.00 9.52  ? 6  DC  A OP2   1 
ATOM   106 O "O5'" . DC  A 1 6 ? 2.260   8.519   -7.573  1.00 13.67 ? 6  DC  A "O5'" 1 
ATOM   107 C "C5'" . DC  A 1 6 ? 1.047   9.002   -8.156  1.00 12.27 ? 6  DC  A "C5'" 1 
ATOM   108 C "C4'" . DC  A 1 6 ? 0.254   9.547   -7.016  1.00 11.61 ? 6  DC  A "C4'" 1 
ATOM   109 O "O4'" . DC  A 1 6 ? 0.083   8.508   -6.055  1.00 13.10 ? 6  DC  A "O4'" 1 
ATOM   110 C "C3'" . DC  A 1 6 ? 1.001   10.630  -6.239  1.00 12.46 ? 6  DC  A "C3'" 1 
ATOM   111 O "O3'" . DC  A 1 6 ? 1.156   11.939  -6.802  1.00 16.40 ? 6  DC  A "O3'" 1 
ATOM   112 C "C2'" . DC  A 1 6 ? 0.177   10.615  -5.025  1.00 10.46 ? 6  DC  A "C2'" 1 
ATOM   113 C "C1'" . DC  A 1 6 ? -0.005  9.144   -4.791  1.00 8.81  ? 6  DC  A "C1'" 1 
ATOM   114 N N1    . DC  A 1 6 ? 0.941   8.617   -3.822  1.00 9.33  ? 6  DC  A N1    1 
ATOM   115 C C2    . DC  A 1 6 ? 0.606   8.825   -2.488  1.00 9.76  ? 6  DC  A C2    1 
ATOM   116 O O2    . DC  A 1 6 ? -0.420  9.432   -2.095  1.00 8.97  ? 6  DC  A O2    1 
ATOM   117 N N3    . DC  A 1 6 ? 1.477   8.311   -1.578  1.00 7.58  ? 6  DC  A N3    1 
ATOM   118 C C4    . DC  A 1 6 ? 2.523   7.610   -1.925  1.00 8.76  ? 6  DC  A C4    1 
ATOM   119 N N4    . DC  A 1 6 ? 3.239   7.094   -0.934  1.00 11.05 ? 6  DC  A N4    1 
ATOM   120 C C5    . DC  A 1 6 ? 2.885   7.428   -3.275  1.00 6.62  ? 6  DC  A C5    1 
ATOM   121 C C6    . DC  A 1 6 ? 2.064   7.942   -4.206  1.00 8.48  ? 6  DC  A C6    1 
ATOM   122 O "O5'" . DG  B 1 1 ? -0.819  7.794   8.849   1.00 29.63 ? 7  DG  B "O5'" 1 
ATOM   123 C "C5'" . DG  B 1 1 ? -1.351  9.050   9.299   1.00 24.51 ? 7  DG  B "C5'" 1 
ATOM   124 C "C4'" . DG  B 1 1 ? -1.746  9.994   8.162   1.00 21.60 ? 7  DG  B "C4'" 1 
ATOM   125 O "O4'" . DG  B 1 1 ? -0.686  10.557  7.392   1.00 20.62 ? 7  DG  B "O4'" 1 
ATOM   126 C "C3'" . DG  B 1 1 ? -2.612  9.316   7.123   1.00 21.40 ? 7  DG  B "C3'" 1 
ATOM   127 O "O3'" . DG  B 1 1 ? -3.961  9.242   7.561   1.00 25.86 ? 7  DG  B "O3'" 1 
ATOM   128 C "C2'" . DG  B 1 1 ? -2.474  10.214  5.897   1.00 18.82 ? 7  DG  B "C2'" 1 
ATOM   129 C "C1'" . DG  B 1 1 ? -1.070  10.608  6.011   1.00 17.57 ? 7  DG  B "C1'" 1 
ATOM   130 N N9    . DG  B 1 1 ? -0.163  9.785   5.241   1.00 17.46 ? 7  DG  B N9    1 
ATOM   131 C C8    . DG  B 1 1 ? 0.883   9.039   5.700   1.00 16.75 ? 7  DG  B C8    1 
ATOM   132 N N7    . DG  B 1 1 ? 1.618   8.483   4.785   1.00 17.30 ? 7  DG  B N7    1 
ATOM   133 C C5    . DG  B 1 1 ? 0.985   8.861   3.593   1.00 16.94 ? 7  DG  B C5    1 
ATOM   134 C C6    . DG  B 1 1 ? 1.301   8.542   2.240   1.00 16.56 ? 7  DG  B C6    1 
ATOM   135 O O6    . DG  B 1 1 ? 2.231   7.889   1.781   1.00 20.98 ? 7  DG  B O6    1 
ATOM   136 N N1    . DG  B 1 1 ? 0.415   9.084   1.356   1.00 13.82 ? 7  DG  B N1    1 
ATOM   137 C C2    . DG  B 1 1 ? -0.608  9.884   1.696   1.00 12.73 ? 7  DG  B C2    1 
ATOM   138 N N2    . DG  B 1 1 ? -1.258  10.419  0.707   1.00 5.34  ? 7  DG  B N2    1 
ATOM   139 N N3    . DG  B 1 1 ? -0.958  10.217  2.940   1.00 17.19 ? 7  DG  B N3    1 
ATOM   140 C C4    . DG  B 1 1 ? -0.111  9.659   3.855   1.00 16.87 ? 7  DG  B C4    1 
HETATM 141 N N1    . 5CM B 1 2 ? -3.458  7.725   2.216   1.00 17.63 ? 8  5CM B N1    1 
HETATM 142 C C2    . 5CM B 1 2 ? -2.830  7.291   1.064   1.00 18.72 ? 8  5CM B C2    1 
HETATM 143 N N3    . 5CM B 1 2 ? -1.773  6.443   1.131   1.00 15.93 ? 8  5CM B N3    1 
HETATM 144 C C4    . 5CM B 1 2 ? -1.356  6.057   2.341   1.00 17.83 ? 8  5CM B C4    1 
HETATM 145 C C5    . 5CM B 1 2 ? -2.028  6.430   3.566   1.00 13.97 ? 8  5CM B C5    1 
HETATM 146 C C5A   . 5CM B 1 2 ? -1.579  5.892   4.917   1.00 13.33 ? 8  5CM B C5A   1 
HETATM 147 C C6    . 5CM B 1 2 ? -3.039  7.311   3.460   1.00 14.60 ? 8  5CM B C6    1 
HETATM 148 O O2    . 5CM B 1 2 ? -3.263  7.616   -0.040  1.00 18.15 ? 8  5CM B O2    1 
HETATM 149 N N4    . 5CM B 1 2 ? -0.250  5.294   2.361   1.00 22.08 ? 8  5CM B N4    1 
HETATM 150 C "C1'" . 5CM B 1 2 ? -4.595  8.706   2.025   1.00 21.61 ? 8  5CM B "C1'" 1 
HETATM 151 C "C2'" . 5CM B 1 2 ? -5.948  8.228   1.613   1.00 23.39 ? 8  5CM B "C2'" 1 
HETATM 152 C "C3'" . 5CM B 1 2 ? -6.600  8.066   2.958   1.00 26.32 ? 8  5CM B "C3'" 1 
HETATM 153 C "C4'" . 5CM B 1 2 ? -6.195  9.367   3.607   1.00 24.88 ? 8  5CM B "C4'" 1 
HETATM 154 O "O4'" . 5CM B 1 2 ? -4.873  9.566   3.132   1.00 23.80 ? 8  5CM B "O4'" 1 
HETATM 155 O "O3'" . 5CM B 1 2 ? -8.012  7.830   2.911   1.00 29.66 ? 8  5CM B "O3'" 1 
HETATM 156 C "C5'" . 5CM B 1 2 ? -6.155  9.349   5.109   1.00 22.19 ? 8  5CM B "C5'" 1 
HETATM 157 O "O5'" . 5CM B 1 2 ? -5.298  8.293   5.506   1.00 22.12 ? 8  5CM B "O5'" 1 
HETATM 158 P P     . 5CM B 1 2 ? -4.916  8.068   7.044   1.00 25.60 ? 8  5CM B P     1 
HETATM 159 O OP1   . 5CM B 1 2 ? -6.151  8.278   7.805   1.00 29.17 ? 8  5CM B OP1   1 
HETATM 160 O OP2   . 5CM B 1 2 ? -4.185  6.773   7.169   1.00 28.63 ? 8  5CM B OP2   1 
ATOM   161 P P     . DG  B 1 3 ? -8.530  6.309   3.237   1.00 31.27 ? 9  DG  B P     1 
ATOM   162 O OP1   . DG  B 1 3 ? -10.015 6.377   3.286   1.00 33.79 ? 9  DG  B OP1   1 
ATOM   163 O OP2   . DG  B 1 3 ? -7.770  5.690   4.340   1.00 30.34 ? 9  DG  B OP2   1 
ATOM   164 O "O5'" . DG  B 1 3 ? -8.113  5.615   1.882   1.00 27.64 ? 9  DG  B "O5'" 1 
ATOM   165 C "C5'" . DG  B 1 3 ? -7.871  4.243   1.751   1.00 21.78 ? 9  DG  B "C5'" 1 
ATOM   166 C "C4'" . DG  B 1 3 ? -7.465  4.136   0.294   1.00 19.78 ? 9  DG  B "C4'" 1 
ATOM   167 O "O4'" . DG  B 1 3 ? -6.318  4.994   0.063   1.00 17.33 ? 9  DG  B "O4'" 1 
ATOM   168 C "C3'" . DG  B 1 3 ? -7.144  2.720   -0.135  1.00 17.92 ? 9  DG  B "C3'" 1 
ATOM   169 O "O3'" . DG  B 1 3 ? -8.344  2.049   -0.417  1.00 19.83 ? 9  DG  B "O3'" 1 
ATOM   170 C "C2'" . DG  B 1 3 ? -6.272  2.999   -1.315  1.00 15.60 ? 9  DG  B "C2'" 1 
ATOM   171 C "C1'" . DG  B 1 3 ? -5.494  4.184   -0.761  1.00 14.30 ? 9  DG  B "C1'" 1 
ATOM   172 N N9    . DG  B 1 3 ? -4.363  3.750   0.109   1.00 12.89 ? 9  DG  B N9    1 
ATOM   173 C C8    . DG  B 1 3 ? -4.142  3.921   1.456   1.00 13.05 ? 9  DG  B C8    1 
ATOM   174 N N7    . DG  B 1 3 ? -2.956  3.481   1.841   1.00 10.97 ? 9  DG  B N7    1 
ATOM   175 C C5    . DG  B 1 3 ? -2.372  3.021   0.642   1.00 10.43 ? 9  DG  B C5    1 
ATOM   176 C C6    . DG  B 1 3 ? -1.117  2.426   0.331   1.00 11.40 ? 9  DG  B C6    1 
ATOM   177 O O6    . DG  B 1 3 ? -0.160  2.179   1.036   1.00 15.03 ? 9  DG  B O6    1 
ATOM   178 N N1    . DG  B 1 3 ? -1.004  2.086   -0.971  1.00 14.15 ? 9  DG  B N1    1 
ATOM   179 C C2    . DG  B 1 3 ? -1.943  2.238   -1.906  1.00 11.64 ? 9  DG  B C2    1 
ATOM   180 N N2    . DG  B 1 3 ? -1.738  1.835   -3.118  1.00 11.46 ? 9  DG  B N2    1 
ATOM   181 N N3    . DG  B 1 3 ? -3.072  2.796   -1.669  1.00 9.83  ? 9  DG  B N3    1 
ATOM   182 C C4    . DG  B 1 3 ? -3.233  3.163   -0.382  1.00 8.71  ? 9  DG  B C4    1 
ATOM   183 P P     . DC  B 1 4 ? -8.637  0.625   0.169   1.00 20.15 ? 10 DC  B P     1 
ATOM   184 O OP1   . DC  B 1 4 ? -10.071 0.383   -0.015  1.00 21.56 ? 10 DC  B OP1   1 
ATOM   185 O OP2   . DC  B 1 4 ? -7.977  0.482   1.484   1.00 20.27 ? 10 DC  B OP2   1 
ATOM   186 O "O5'" . DC  B 1 4 ? -7.910  -0.354  -0.807  1.00 19.07 ? 10 DC  B "O5'" 1 
ATOM   187 C "C5'" . DC  B 1 4 ? -8.201  -0.331  -2.204  1.00 19.54 ? 10 DC  B "C5'" 1 
ATOM   188 C "C4'" . DC  B 1 4 ? -6.997  -0.918  -2.907  1.00 20.38 ? 10 DC  B "C4'" 1 
ATOM   189 O "O4'" . DC  B 1 4 ? -5.767  -0.154  -2.715  1.00 19.06 ? 10 DC  B "O4'" 1 
ATOM   190 C "C3'" . DC  B 1 4 ? -6.657  -2.260  -2.299  1.00 19.35 ? 10 DC  B "C3'" 1 
ATOM   191 O "O3'" . DC  B 1 4 ? -7.579  -3.212  -2.720  1.00 22.40 ? 10 DC  B "O3'" 1 
ATOM   192 C "C2'" . DC  B 1 4 ? -5.353  -2.478  -2.885  1.00 16.13 ? 10 DC  B "C2'" 1 
ATOM   193 C "C1'" . DC  B 1 4 ? -4.744  -1.159  -2.651  1.00 15.44 ? 10 DC  B "C1'" 1 
ATOM   194 N N1    . DC  B 1 4 ? -3.978  -1.122  -1.440  1.00 13.91 ? 10 DC  B N1    1 
ATOM   195 C C2    . DC  B 1 4 ? -2.674  -1.609  -1.523  1.00 15.05 ? 10 DC  B C2    1 
ATOM   196 O O2    . DC  B 1 4 ? -2.248  -2.269  -2.479  1.00 11.34 ? 10 DC  B O2    1 
ATOM   197 N N3    . DC  B 1 4 ? -1.866  -1.377  -0.432  1.00 14.86 ? 10 DC  B N3    1 
ATOM   198 C C4    . DC  B 1 4 ? -2.350  -0.795  0.666   1.00 12.96 ? 10 DC  B C4    1 
ATOM   199 N N4    . DC  B 1 4 ? -1.495  -0.589  1.663   1.00 14.00 ? 10 DC  B N4    1 
ATOM   200 C C5    . DC  B 1 4 ? -3.696  -0.393  0.767   1.00 13.09 ? 10 DC  B C5    1 
ATOM   201 C C6    . DC  B 1 4 ? -4.491  -0.546  -0.322  1.00 15.17 ? 10 DC  B C6    1 
ATOM   202 P P     . DG  B 1 5 ? -7.775  -4.445  -1.772  1.00 25.13 ? 11 DG  B P     1 
ATOM   203 O OP1   . DG  B 1 5 ? -9.011  -5.070  -2.288  1.00 25.12 ? 11 DG  B OP1   1 
ATOM   204 O OP2   . DG  B 1 5 ? -7.659  -3.980  -0.361  1.00 23.33 ? 11 DG  B OP2   1 
ATOM   205 O "O5'" . DG  B 1 5 ? -6.604  -5.510  -2.024  1.00 21.89 ? 11 DG  B "O5'" 1 
ATOM   206 C "C5'" . DG  B 1 5 ? -6.441  -6.144  -3.311  1.00 18.17 ? 11 DG  B "C5'" 1 
ATOM   207 C "C4'" . DG  B 1 5 ? -5.040  -6.748  -3.322  1.00 12.09 ? 11 DG  B "C4'" 1 
ATOM   208 O "O4'" . DG  B 1 5 ? -4.093  -5.715  -3.015  1.00 9.47  ? 11 DG  B "O4'" 1 
ATOM   209 C "C3'" . DG  B 1 5 ? -4.755  -7.749  -2.231  1.00 9.39  ? 11 DG  B "C3'" 1 
ATOM   210 O "O3'" . DG  B 1 5 ? -5.303  -9.034  -2.378  1.00 9.92  ? 11 DG  B "O3'" 1 
ATOM   211 C "C2'" . DG  B 1 5 ? -3.283  -7.792  -2.297  1.00 6.63  ? 11 DG  B "C2'" 1 
ATOM   212 C "C1'" . DG  B 1 5 ? -2.995  -6.357  -2.442  1.00 6.79  ? 11 DG  B "C1'" 1 
ATOM   213 N N9    . DG  B 1 5 ? -2.707  -5.721  -1.199  1.00 5.00  ? 11 DG  B N9    1 
ATOM   214 C C8    . DG  B 1 5 ? -3.447  -4.907  -0.432  1.00 7.78  ? 11 DG  B C8    1 
ATOM   215 N N7    . DG  B 1 5 ? -2.837  -4.483  0.655   1.00 8.33  ? 11 DG  B N7    1 
ATOM   216 C C5    . DG  B 1 5 ? -1.567  -5.056  0.579   1.00 7.30  ? 11 DG  B C5    1 
ATOM   217 C C6    . DG  B 1 5 ? -0.419  -4.973  1.470   1.00 10.94 ? 11 DG  B C6    1 
ATOM   218 O O6    . DG  B 1 5 ? -0.237  -4.329  2.506   1.00 12.80 ? 11 DG  B O6    1 
ATOM   219 N N1    . DG  B 1 5 ? 0.641   -5.751  1.029   1.00 14.10 ? 11 DG  B N1    1 
ATOM   220 C C2    . DG  B 1 5 ? 0.617   -6.531  -0.082  1.00 12.78 ? 11 DG  B C2    1 
ATOM   221 N N2    . DG  B 1 5 ? 1.641   -7.279  -0.307  1.00 14.81 ? 11 DG  B N2    1 
ATOM   222 N N3    . DG  B 1 5 ? -0.385  -6.590  -0.952  1.00 10.81 ? 11 DG  B N3    1 
ATOM   223 C C4    . DG  B 1 5 ? -1.483  -5.836  -0.548  1.00 9.61  ? 11 DG  B C4    1 
ATOM   224 P P     . DC  B 1 6 ? -5.809  -9.886  -1.065  1.00 12.59 ? 12 DC  B P     1 
ATOM   225 O OP1   . DC  B 1 6 ? -6.651  -10.971 -1.587  1.00 13.75 ? 12 DC  B OP1   1 
ATOM   226 O OP2   . DC  B 1 6 ? -6.304  -9.036  0.050   1.00 13.47 ? 12 DC  B OP2   1 
ATOM   227 O "O5'" . DC  B 1 6 ? -4.426  -10.523 -0.592  1.00 12.73 ? 12 DC  B "O5'" 1 
ATOM   228 C "C5'" . DC  B 1 6 ? -3.735  -11.543 -1.349  1.00 10.01 ? 12 DC  B "C5'" 1 
ATOM   229 C "C4'" . DC  B 1 6 ? -2.403  -11.689 -0.727  1.00 5.39  ? 12 DC  B "C4'" 1 
ATOM   230 O "O4'" . DC  B 1 6 ? -1.875  -10.354 -0.607  1.00 5.60  ? 12 DC  B "O4'" 1 
ATOM   231 C "C3'" . DC  B 1 6 ? -2.433  -12.185 0.650   1.00 4.82  ? 12 DC  B "C3'" 1 
ATOM   232 O "O3'" . DC  B 1 6 ? -2.584  -13.571 0.735   1.00 5.67  ? 12 DC  B "O3'" 1 
ATOM   233 C "C2'" . DC  B 1 6 ? -1.121  -11.691 1.143   1.00 5.57  ? 12 DC  B "C2'" 1 
ATOM   234 C "C1'" . DC  B 1 6 ? -1.030  -10.289 0.556   1.00 6.05  ? 12 DC  B "C1'" 1 
ATOM   235 N N1    . DC  B 1 6 ? -1.368  -9.215  1.533   1.00 5.84  ? 12 DC  B N1    1 
ATOM   236 C C2    . DC  B 1 6 ? -0.372  -8.849  2.426   1.00 6.45  ? 12 DC  B C2    1 
ATOM   237 O O2    . DC  B 1 6 ? 0.740   -9.423  2.448   1.00 6.34  ? 12 DC  B O2    1 
ATOM   238 N N3    . DC  B 1 6 ? -0.665  -7.817  3.286   1.00 5.61  ? 12 DC  B N3    1 
ATOM   239 C C4    . DC  B 1 6 ? -1.859  -7.205  3.284   1.00 5.28  ? 12 DC  B C4    1 
ATOM   240 N N4    . DC  B 1 6 ? -2.074  -6.203  4.140   1.00 6.71  ? 12 DC  B N4    1 
ATOM   241 C C5    . DC  B 1 6 ? -2.856  -7.595  2.391   1.00 4.65  ? 12 DC  B C5    1 
ATOM   242 C C6    . DC  B 1 6 ? -2.588  -8.600  1.539   1.00 6.28  ? 12 DC  B C6    1 
HETATM 243 O O     . HOH C 2 . ? 5.579   2.770   -3.352  1.00 57.75 ? 14 HOH A O     1 
HETATM 244 O O     . HOH C 2 . ? 5.153   -8.572  -1.280  1.00 42.93 ? 15 HOH A O     1 
HETATM 245 O O     . HOH C 2 . ? -1.597  -1.222  -5.735  1.00 18.64 ? 16 HOH A O     1 
HETATM 246 O O     . HOH C 2 . ? 3.458   -9.996  0.606   1.00 51.94 ? 20 HOH A O     1 
HETATM 247 O O     . HOH C 2 . ? 0.979   6.474   -10.876 1.00 39.45 ? 22 HOH A O     1 
HETATM 248 O O     . HOH C 2 . ? 1.784   -0.105  3.512   1.00 48.70 ? 23 HOH A O     1 
HETATM 249 O O     . HOH C 2 . ? 2.492   7.701   -12.945 1.00 21.46 ? 26 HOH A O     1 
HETATM 250 O O     . HOH C 2 . ? 5.255   6.378   -4.759  1.00 30.51 ? 27 HOH A O     1 
HETATM 251 O O     . HOH C 2 . ? 9.657   1.782   -6.664  1.00 37.33 ? 30 HOH A O     1 
HETATM 252 O O     . HOH C 2 . ? 10.450  -4.041  -5.805  1.00 72.95 ? 31 HOH A O     1 
HETATM 253 O O     . HOH C 2 . ? 6.323   -10.762 4.341   1.00 43.15 ? 32 HOH A O     1 
HETATM 254 O O     . HOH C 2 . ? 2.980   12.555  -8.690  1.00 30.00 ? 33 HOH A O     1 
HETATM 255 O O     . HOH C 2 . ? -0.082  0.660   -7.813  1.00 42.74 ? 36 HOH A O     1 
HETATM 256 O O     . HOH C 2 . ? 0.641   -2.075  -9.983  1.00 50.98 ? 37 HOH A O     1 
HETATM 257 O O     . HOH C 2 . ? 7.427   -0.531  7.331   1.00 69.18 ? 39 HOH A O     1 
HETATM 258 O O     . HOH C 2 . ? -0.679  4.005   -10.915 1.00 60.81 ? 40 HOH A O     1 
HETATM 259 O O     . HOH C 2 . ? 5.760   9.563   -11.464 1.00 62.94 ? 41 HOH A O     1 
HETATM 260 O O     . HOH C 2 . ? 0.419   -1.575  5.465   1.00 42.76 ? 43 HOH A O     1 
HETATM 261 O O     . HOH C 2 . ? -0.226  -3.920  6.891   1.00 52.68 ? 44 HOH A O     1 
HETATM 262 O O     . HOH C 2 . ? -2.473  11.373  -1.986  1.00 66.98 ? 46 HOH A O     1 
HETATM 263 O O     . HOH D 2 . ? -12.215 1.636   1.806   1.00 18.62 ? 13 HOH B O     1 
HETATM 264 O O     . HOH D 2 . ? -2.390  2.551   4.715   1.00 33.74 ? 17 HOH B O     1 
HETATM 265 O O     . HOH D 2 . ? -6.060  -14.866 -0.753  1.00 43.89 ? 18 HOH B O     1 
HETATM 266 O O     . HOH D 2 . ? -6.130  -6.872  1.646   1.00 39.29 ? 19 HOH B O     1 
HETATM 267 O O     . HOH D 2 . ? -5.008  -5.501  4.019   1.00 37.81 ? 21 HOH B O     1 
HETATM 268 O O     . HOH D 2 . ? -11.207 -0.618  3.531   1.00 25.05 ? 24 HOH B O     1 
HETATM 269 O O     . HOH D 2 . ? -6.370  1.120   3.885   1.00 14.79 ? 25 HOH B O     1 
HETATM 270 O O     . HOH D 2 . ? -9.173  7.339   0.044   1.00 50.99 ? 28 HOH B O     1 
HETATM 271 O O     . HOH D 2 . ? -5.657  -3.068  2.423   1.00 44.22 ? 29 HOH B O     1 
HETATM 272 O O     . HOH D 2 . ? -8.782  9.299   7.619   1.00 26.41 ? 34 HOH B O     1 
HETATM 273 O O     . HOH D 2 . ? -7.061  -12.560 -4.981  1.00 58.11 ? 35 HOH B O     1 
HETATM 274 O O     . HOH D 2 . ? -12.362 4.271   1.798   1.00 40.42 ? 38 HOH B O     1 
HETATM 275 O O     . HOH D 2 . ? -10.484 -6.255  -4.237  1.00 46.26 ? 42 HOH B O     1 
HETATM 276 O O     . HOH D 2 . ? -3.643  0.190   4.366   1.00 53.98 ? 45 HOH B O     1 
HETATM 277 O O     . HOH D 2 . ? -10.204 -3.689  -5.394  1.00 71.36 ? 47 HOH B O     1 
# 
